data_9O9D
#
_entry.id   9O9D
#
_cell.length_a   1.00
_cell.length_b   1.00
_cell.length_c   1.00
_cell.angle_alpha   90.00
_cell.angle_beta   90.00
_cell.angle_gamma   90.00
#
_symmetry.space_group_name_H-M   'P 1'
#
loop_
_entity.id
_entity.type
_entity.pdbx_description
1 polymer 'Antigen peptide transporter 1'
2 polymer 'Antigen peptide transporter 2'
3 polymer 'Envelope glycoprotein N'
4 non-polymer "ADENOSINE-5'-TRIPHOSPHATE"
5 non-polymer 'MAGNESIUM ION'
#
loop_
_entity_poly.entity_id
_entity_poly.type
_entity_poly.pdbx_seq_one_letter_code
_entity_poly.pdbx_strand_id
1 'polypeptide(L)'
;MASSRCPAPRGCRCLPGASLAWLGTVLLLLADWVLLRTALPRIFSLLVPTALPLLRVWAVGLSRWAVLWLGACGVLRATV
GSKSENAGAQGWLAALKPLAAALGLALPGLALFRELISWGAPGSADSTRLLHWGSHPTAFVVSYAAALPAAALWHKLGSL
WVPGGQGGSGNPVRRLLGCLGSETRRLSLFLVLVVLSSLGEMAIPFFTGRLTDWILQDGSADTFTRNLTLMSILTIASAV
LEFVGDGIYNNTMGHVHSHLQGEVFGAVLRQETEFFQQNQTGNIMSRVTEDTSTLSDSLSENLSLFLWYLVRGLCLLGIM
LWGSVSLTMVTLITLPLLFLLPKKVGKWYQLLEVQVRESLAKSSQVAIEALSAMPTVRSFANEEGEAQKFREKLQEIKTL
NQKEAVAYAVNSWTTSISGMLLKVGILYIGGQLVTSGAVSSGNLVTFVLYQMQFTQAVEVLLSIYPRVQKAVGSSEKIFE
YLDRTPRCPPSGLLTPLHLEGLVQFQDVSFAYPNRPDVLVLQGLTFTLRPGEVTALVGPNGSGKSTVAALLQNLYQPTGG
QLLLDGKPLPQYEHRYLHRQVAAVGQEPQVFGRSLQENIAYGLTQKPTMEEITAAAVKSGAHSFISGLPQGYDTEVDEAG
SQLSGGQRQAVALARALIRKPCVLILDDATSALDANSQLQVEQLLYESPERYSRSVLLITQHLSLVEQADHILFLEGGAI
REGGTHQQLMEKKGCYWAMVQAPADAPEGGGSGGSGGGENLYFQGSGSSGGGSSGSGGAMVTTLSGLSGEQGPSGDMTTE
EDSATHIKFSKRDEDGRELAGATMELRDSSGKTISTWISDGHVKDFYLYPGKYTFVETAAPDGYEVATPIEFTVNEDGQV
TVDGEATEGDAHTSGGGHHHHHHHHHH
;
A
2 'polypeptide(L)'
;MRLPDLRPWTSLLLVDAALLWLLQGPLGTLLPQGLPGLWLEGTLRLGGLWGLLKLRGLLGFVGTLLLPLCLATPLTVSLR
ALVAGASRAPPARVASAPWSWLLVGYGAAGLSWSLWAVLSPPGAQEKEQDQVNNKVLMWRLLKLSRPDLPLLVAAFFFLV
LAVLGETLIPHYSGRVIDILGGDFDPHAFASAIFFMCLFSFGSSLSAGCRGGCFTYTMSRINLRIREQLFSSLLRQDLGF
FQETKTGELNSRLSSDTTLMSNWLPLNANVLLRSLVKVVGLYGFMLSISPRLTLLSLLHMPFTIAAEKVYNTRHQEVLRE
IQDAVARAGQVVREAVGGLQTVRSFGAEEHEVCRYKEALEQCRQLYWRRDLERALYLLVRRVLHLGVQMLMLSCGLQQMQ
DGELTQGSLLSFMIYQESVGSYVQTLVYIYGDMLSNVGAAEKVFSYMDRQPNLPSPGTLAPTTLQGVVKFQDVSFAYPNR
PDRPVLKGLTFTLRPGEVTALVGPNGSGKSTVAALLQNLYQPTGGQVLLDEKPISQYEHCYLHSQVVSVGQEPVLFSGSV
RNNIAYGLQSCEDDKVMAAAQAAHADDFIQEMEHGIYTDVGEKGSQLAAGQKQRLAIARALVRDPRVLILDQATSALDVQ
CEQALQDWNSRGDRTVLVIAHRLQTVQRAHQILVLQEGKLQKLAQL
;
B
3 'polypeptide(L)' SEPPQALVVFYVALTAVMVAVALYA D
#
# COMPACT_ATOMS: atom_id res chain seq x y z
N VAL A 173 -22.71 -9.61 -9.17
CA VAL A 173 -22.34 -8.23 -9.40
C VAL A 173 -23.14 -7.33 -8.46
N ARG A 174 -24.14 -7.91 -7.81
CA ARG A 174 -25.02 -7.14 -6.94
C ARG A 174 -24.31 -6.60 -5.70
N ARG A 175 -23.24 -7.26 -5.25
CA ARG A 175 -22.54 -6.78 -4.06
C ARG A 175 -21.77 -5.49 -4.33
N LEU A 176 -21.32 -5.27 -5.57
CA LEU A 176 -20.61 -4.03 -5.88
C LEU A 176 -21.53 -2.83 -5.74
N LEU A 177 -22.76 -2.94 -6.21
CA LEU A 177 -23.67 -1.81 -6.21
C LEU A 177 -24.19 -1.46 -4.82
N GLY A 178 -23.93 -2.32 -3.83
CA GLY A 178 -24.41 -2.04 -2.49
C GLY A 178 -23.83 -0.78 -1.87
N CYS A 179 -22.55 -0.48 -2.18
CA CYS A 179 -21.90 0.69 -1.60
C CYS A 179 -22.45 2.01 -2.13
N LEU A 180 -23.24 1.97 -3.20
CA LEU A 180 -23.77 3.20 -3.78
C LEU A 180 -25.14 3.59 -3.23
N GLY A 181 -25.67 2.82 -2.27
CA GLY A 181 -27.03 3.07 -1.81
C GLY A 181 -27.20 4.36 -1.04
N SER A 182 -26.10 4.88 -0.46
CA SER A 182 -26.21 6.06 0.39
C SER A 182 -26.41 7.34 -0.41
N GLU A 183 -25.91 7.38 -1.66
CA GLU A 183 -25.94 8.58 -2.47
C GLU A 183 -26.96 8.52 -3.60
N THR A 184 -28.12 7.88 -3.35
CA THR A 184 -29.09 7.66 -4.41
C THR A 184 -29.68 8.97 -4.92
N ARG A 185 -29.94 9.92 -4.02
CA ARG A 185 -30.50 11.20 -4.45
C ARG A 185 -29.54 11.94 -5.35
N ARG A 186 -28.26 11.97 -4.98
CA ARG A 186 -27.25 12.63 -5.82
C ARG A 186 -27.12 11.92 -7.17
N LEU A 187 -27.15 10.59 -7.17
CA LEU A 187 -27.06 9.87 -8.43
C LEU A 187 -28.27 10.13 -9.33
N SER A 188 -29.46 10.22 -8.74
CA SER A 188 -30.64 10.55 -9.53
C SER A 188 -30.56 11.95 -10.11
N LEU A 189 -30.08 12.91 -9.31
CA LEU A 189 -29.89 14.26 -9.82
C LEU A 189 -28.89 14.27 -10.96
N PHE A 190 -27.83 13.47 -10.85
CA PHE A 190 -26.86 13.36 -11.94
C PHE A 190 -27.49 12.73 -13.18
N LEU A 191 -28.36 11.73 -12.98
CA LEU A 191 -28.99 11.06 -14.11
C LEU A 191 -29.91 11.99 -14.88
N VAL A 192 -30.63 12.86 -14.17
CA VAL A 192 -31.50 13.81 -14.86
C VAL A 192 -30.67 14.73 -15.76
N LEU A 193 -29.55 15.23 -15.23
CA LEU A 193 -28.67 16.08 -16.04
C LEU A 193 -28.08 15.30 -17.20
N VAL A 194 -27.79 14.01 -17.00
CA VAL A 194 -27.28 13.19 -18.09
C VAL A 194 -28.30 13.10 -19.21
N VAL A 195 -29.56 12.88 -18.86
CA VAL A 195 -30.62 12.80 -19.87
C VAL A 195 -30.75 14.12 -20.61
N LEU A 196 -30.73 15.23 -19.87
CA LEU A 196 -30.84 16.54 -20.50
C LEU A 196 -29.66 16.81 -21.44
N SER A 197 -28.45 16.45 -21.01
CA SER A 197 -27.28 16.67 -21.84
C SER A 197 -27.31 15.81 -23.10
N SER A 198 -27.78 14.57 -22.96
CA SER A 198 -27.89 13.70 -24.13
C SER A 198 -28.90 14.26 -25.13
N LEU A 199 -30.04 14.72 -24.64
CA LEU A 199 -31.03 15.32 -25.54
C LEU A 199 -30.47 16.58 -26.21
N GLY A 200 -29.74 17.40 -25.46
CA GLY A 200 -29.13 18.57 -26.06
C GLY A 200 -28.12 18.23 -27.13
N GLU A 201 -27.23 17.28 -26.84
CA GLU A 201 -26.24 16.86 -27.82
C GLU A 201 -26.90 16.22 -29.03
N MET A 202 -28.11 15.67 -28.86
CA MET A 202 -28.85 15.15 -30.00
C MET A 202 -29.43 16.28 -30.84
N ALA A 203 -29.94 17.33 -30.18
CA ALA A 203 -30.69 18.37 -30.90
C ALA A 203 -29.86 19.59 -31.26
N ILE A 204 -28.89 19.97 -30.42
CA ILE A 204 -28.15 21.21 -30.66
C ILE A 204 -27.40 21.21 -32.00
N PRO A 205 -26.66 20.17 -32.38
CA PRO A 205 -25.98 20.22 -33.68
C PRO A 205 -26.93 20.40 -34.85
N PHE A 206 -28.13 19.81 -34.80
CA PHE A 206 -29.10 20.02 -35.86
C PHE A 206 -29.57 21.47 -35.88
N PHE A 207 -29.83 22.06 -34.71
CA PHE A 207 -30.24 23.45 -34.66
C PHE A 207 -29.14 24.38 -35.13
N THR A 208 -27.89 24.08 -34.77
CA THR A 208 -26.77 24.91 -35.19
C THR A 208 -26.62 24.92 -36.70
N GLY A 209 -26.78 23.75 -37.34
CA GLY A 209 -26.69 23.69 -38.79
C GLY A 209 -27.77 24.50 -39.48
N ARG A 210 -29.01 24.40 -38.99
CA ARG A 210 -30.10 25.17 -39.56
C ARG A 210 -29.88 26.67 -39.38
N LEU A 211 -29.44 27.09 -38.19
CA LEU A 211 -29.19 28.50 -37.94
C LEU A 211 -28.03 29.01 -38.80
N THR A 212 -26.97 28.21 -38.93
CA THR A 212 -25.84 28.62 -39.76
C THR A 212 -26.24 28.73 -41.23
N ASP A 213 -27.06 27.79 -41.72
CA ASP A 213 -27.53 27.85 -43.10
C ASP A 213 -28.38 29.10 -43.33
N TRP A 214 -29.28 29.40 -42.38
CA TRP A 214 -30.09 30.60 -42.50
C TRP A 214 -29.26 31.87 -42.40
N ILE A 215 -28.25 31.87 -41.51
CA ILE A 215 -27.36 33.01 -41.41
C ILE A 215 -26.57 33.19 -42.69
N LEU A 216 -26.07 32.09 -43.26
CA LEU A 216 -25.34 32.17 -44.52
C LEU A 216 -26.26 32.54 -45.68
N GLN A 217 -27.55 32.19 -45.59
CA GLN A 217 -28.49 32.51 -46.63
C GLN A 217 -28.81 34.01 -46.61
N ASP A 218 -29.59 34.45 -47.58
CA ASP A 218 -29.96 35.85 -47.70
C ASP A 218 -30.76 36.29 -46.47
N GLY A 219 -30.40 37.46 -45.93
CA GLY A 219 -31.08 38.00 -44.78
C GLY A 219 -30.45 39.28 -44.27
N SER A 220 -31.20 40.04 -43.47
CA SER A 220 -30.70 41.30 -42.95
C SER A 220 -29.71 41.05 -41.81
N ALA A 221 -29.07 42.13 -41.35
CA ALA A 221 -28.14 42.03 -40.24
C ALA A 221 -28.83 41.58 -38.96
N ASP A 222 -30.10 41.95 -38.79
CA ASP A 222 -30.86 41.49 -37.62
C ASP A 222 -31.02 39.97 -37.64
N THR A 223 -31.28 39.40 -38.81
CA THR A 223 -31.38 37.95 -38.93
C THR A 223 -30.07 37.27 -38.60
N PHE A 224 -28.95 37.83 -39.09
CA PHE A 224 -27.64 37.26 -38.81
C PHE A 224 -27.31 37.32 -37.32
N THR A 225 -27.56 38.47 -36.69
CA THR A 225 -27.26 38.61 -35.27
C THR A 225 -28.17 37.71 -34.42
N ARG A 226 -29.45 37.60 -34.79
CA ARG A 226 -30.36 36.75 -34.03
C ARG A 226 -29.93 35.29 -34.08
N ASN A 227 -29.52 34.82 -35.26
CA ASN A 227 -29.09 33.42 -35.38
C ASN A 227 -27.75 33.19 -34.68
N LEU A 228 -26.86 34.18 -34.72
CA LEU A 228 -25.54 34.03 -34.11
C LEU A 228 -25.65 33.84 -32.59
N THR A 229 -26.52 34.61 -31.94
CA THR A 229 -26.61 34.55 -30.48
C THR A 229 -27.25 33.24 -30.01
N LEU A 230 -28.16 32.67 -30.80
CA LEU A 230 -28.85 31.45 -30.39
C LEU A 230 -27.87 30.29 -30.25
N MET A 231 -26.97 30.13 -31.22
CA MET A 231 -25.98 29.05 -31.15
C MET A 231 -25.05 29.23 -29.95
N SER A 232 -24.62 30.47 -29.70
CA SER A 232 -23.77 30.74 -28.55
C SER A 232 -24.48 30.40 -27.25
N ILE A 233 -25.75 30.78 -27.13
CA ILE A 233 -26.52 30.49 -25.92
C ILE A 233 -26.65 28.98 -25.73
N LEU A 234 -26.95 28.25 -26.81
CA LEU A 234 -27.10 26.80 -26.70
C LEU A 234 -25.80 26.14 -26.27
N THR A 235 -24.68 26.55 -26.88
CA THR A 235 -23.39 25.96 -26.52
C THR A 235 -23.02 26.27 -25.07
N ILE A 236 -23.27 27.50 -24.63
CA ILE A 236 -22.95 27.87 -23.26
C ILE A 236 -23.80 27.06 -22.28
N ALA A 237 -25.09 26.89 -22.59
CA ALA A 237 -25.95 26.10 -21.72
C ALA A 237 -25.48 24.65 -21.65
N SER A 238 -25.08 24.08 -22.78
CA SER A 238 -24.57 22.71 -22.77
C SER A 238 -23.32 22.59 -21.91
N ALA A 239 -22.40 23.56 -22.04
CA ALA A 239 -21.18 23.54 -21.23
C ALA A 239 -21.50 23.65 -19.74
N VAL A 240 -22.45 24.52 -19.38
CA VAL A 240 -22.80 24.68 -17.98
C VAL A 240 -23.41 23.39 -17.43
N LEU A 241 -24.30 22.76 -18.19
CA LEU A 241 -24.89 21.50 -17.75
C LEU A 241 -23.82 20.43 -17.55
N GLU A 242 -22.87 20.34 -18.47
CA GLU A 242 -21.79 19.37 -18.33
C GLU A 242 -20.96 19.64 -17.08
N PHE A 243 -20.65 20.92 -16.83
CA PHE A 243 -19.86 21.28 -15.65
C PHE A 243 -20.57 20.89 -14.36
N VAL A 244 -21.86 21.19 -14.27
CA VAL A 244 -22.61 20.88 -13.05
C VAL A 244 -22.69 19.37 -12.84
N GLY A 245 -22.97 18.61 -13.90
CA GLY A 245 -23.04 17.17 -13.76
C GLY A 245 -21.71 16.57 -13.32
N ASP A 246 -20.61 17.04 -13.92
CA ASP A 246 -19.29 16.54 -13.54
C ASP A 246 -18.99 16.83 -12.09
N GLY A 247 -19.31 18.05 -11.62
CA GLY A 247 -19.06 18.37 -10.23
C GLY A 247 -19.82 17.48 -9.28
N ILE A 248 -21.11 17.27 -9.54
CA ILE A 248 -21.93 16.44 -8.66
C ILE A 248 -21.37 15.02 -8.63
N TYR A 249 -21.06 14.47 -9.81
CA TYR A 249 -20.58 13.09 -9.89
C TYR A 249 -19.27 12.92 -9.12
N ASN A 250 -18.33 13.85 -9.30
CA ASN A 250 -17.03 13.72 -8.65
C ASN A 250 -17.16 13.84 -7.14
N ASN A 251 -17.98 14.77 -6.65
CA ASN A 251 -18.18 14.89 -5.22
C ASN A 251 -18.75 13.60 -4.63
N THR A 252 -19.77 13.04 -5.28
CA THR A 252 -20.36 11.79 -4.79
C THR A 252 -19.35 10.66 -4.78
N MET A 253 -18.55 10.54 -5.84
CA MET A 253 -17.57 9.45 -5.90
C MET A 253 -16.50 9.60 -4.81
N GLY A 254 -16.04 10.82 -4.54
CA GLY A 254 -15.09 11.01 -3.46
C GLY A 254 -15.66 10.59 -2.12
N HIS A 255 -16.91 10.98 -1.83
CA HIS A 255 -17.53 10.56 -0.58
C HIS A 255 -17.63 9.03 -0.50
N VAL A 256 -18.00 8.39 -1.61
CA VAL A 256 -18.11 6.93 -1.63
C VAL A 256 -16.77 6.27 -1.31
N HIS A 257 -15.70 6.78 -1.93
CA HIS A 257 -14.37 6.21 -1.69
C HIS A 257 -13.97 6.32 -0.23
N SER A 258 -14.15 7.51 0.36
CA SER A 258 -13.77 7.69 1.76
C SER A 258 -14.58 6.76 2.67
N HIS A 259 -15.89 6.67 2.45
CA HIS A 259 -16.71 5.82 3.28
C HIS A 259 -16.30 4.37 3.18
N LEU A 260 -16.01 3.89 1.96
CA LEU A 260 -15.64 2.50 1.78
C LEU A 260 -14.33 2.18 2.49
N GLN A 261 -13.32 3.05 2.35
CA GLN A 261 -12.05 2.78 3.02
C GLN A 261 -12.20 2.78 4.54
N GLY A 262 -12.96 3.74 5.07
CA GLY A 262 -13.18 3.77 6.52
C GLY A 262 -13.88 2.51 7.01
N GLU A 263 -14.91 2.06 6.28
CA GLU A 263 -15.63 0.86 6.68
C GLU A 263 -14.73 -0.37 6.64
N VAL A 264 -13.87 -0.48 5.62
CA VAL A 264 -13.00 -1.63 5.53
C VAL A 264 -12.02 -1.67 6.71
N PHE A 265 -11.41 -0.53 7.03
CA PHE A 265 -10.49 -0.50 8.16
C PHE A 265 -11.20 -0.82 9.47
N GLY A 266 -12.39 -0.26 9.68
CA GLY A 266 -13.15 -0.56 10.89
C GLY A 266 -13.50 -2.03 11.00
N ALA A 267 -13.86 -2.66 9.89
CA ALA A 267 -14.16 -4.08 9.90
C ALA A 267 -12.92 -4.90 10.21
N VAL A 268 -11.76 -4.48 9.69
CA VAL A 268 -10.52 -5.20 9.96
C VAL A 268 -10.20 -5.16 11.45
N LEU A 269 -10.36 -4.01 12.08
CA LEU A 269 -9.96 -3.90 13.49
C LEU A 269 -10.90 -4.62 14.46
N ARG A 270 -11.97 -5.25 13.99
CA ARG A 270 -12.90 -5.94 14.87
C ARG A 270 -12.65 -7.44 15.00
N GLN A 271 -11.70 -7.98 14.26
CA GLN A 271 -11.52 -9.43 14.23
C GLN A 271 -10.80 -9.92 15.48
N GLU A 272 -10.81 -11.24 15.67
CA GLU A 272 -10.22 -11.85 16.85
C GLU A 272 -8.70 -11.77 16.79
N THR A 273 -8.06 -12.13 17.90
CA THR A 273 -6.62 -11.94 18.04
C THR A 273 -5.83 -12.82 17.07
N GLU A 274 -6.25 -14.08 16.91
CA GLU A 274 -5.52 -14.99 16.03
C GLU A 274 -5.70 -14.67 14.56
N PHE A 275 -6.63 -13.77 14.22
CA PHE A 275 -6.77 -13.34 12.83
C PHE A 275 -5.51 -12.66 12.34
N PHE A 276 -4.82 -11.93 13.22
CA PHE A 276 -3.62 -11.19 12.86
C PHE A 276 -2.37 -12.06 12.86
N GLN A 277 -2.47 -13.30 13.35
CA GLN A 277 -1.37 -14.25 13.16
C GLN A 277 -1.45 -14.91 11.80
N GLN A 278 -2.67 -15.19 11.32
CA GLN A 278 -2.85 -15.81 10.01
C GLN A 278 -2.61 -14.82 8.88
N ASN A 279 -2.93 -13.55 9.09
CA ASN A 279 -2.73 -12.50 8.10
C ASN A 279 -1.65 -11.55 8.60
N GLN A 280 -0.65 -11.29 7.77
CA GLN A 280 0.50 -10.50 8.18
C GLN A 280 0.25 -9.02 7.91
N THR A 281 1.11 -8.18 8.50
CA THR A 281 0.87 -6.74 8.52
C THR A 281 0.84 -6.15 7.11
N GLY A 282 1.86 -6.45 6.30
CA GLY A 282 1.90 -5.94 4.95
C GLY A 282 0.75 -6.40 4.08
N ASN A 283 0.32 -7.65 4.26
CA ASN A 283 -0.83 -8.15 3.50
C ASN A 283 -2.09 -7.36 3.83
N ILE A 284 -2.37 -7.18 5.12
CA ILE A 284 -3.57 -6.44 5.53
C ILE A 284 -3.50 -5.00 5.07
N MET A 285 -2.31 -4.39 5.17
CA MET A 285 -2.16 -3.01 4.72
C MET A 285 -2.41 -2.88 3.22
N SER A 286 -1.90 -3.82 2.43
CA SER A 286 -2.15 -3.81 1.00
C SER A 286 -3.63 -3.98 0.69
N ARG A 287 -4.31 -4.88 1.41
CA ARG A 287 -5.73 -5.05 1.19
C ARG A 287 -6.50 -3.77 1.51
N VAL A 288 -6.18 -3.14 2.64
CA VAL A 288 -6.96 -1.99 3.10
C VAL A 288 -6.71 -0.78 2.21
N THR A 289 -5.46 -0.50 1.87
CA THR A 289 -5.11 0.75 1.22
C THR A 289 -5.11 0.68 -0.30
N GLU A 290 -4.87 -0.48 -0.90
CA GLU A 290 -4.69 -0.59 -2.34
C GLU A 290 -5.89 -1.21 -3.06
N ASP A 291 -6.46 -2.29 -2.53
CA ASP A 291 -7.60 -2.91 -3.19
C ASP A 291 -8.80 -1.97 -3.24
N THR A 292 -9.07 -1.26 -2.14
CA THR A 292 -10.22 -0.37 -2.09
C THR A 292 -10.07 0.79 -3.07
N SER A 293 -8.87 1.36 -3.18
CA SER A 293 -8.66 2.45 -4.12
C SER A 293 -8.84 1.97 -5.56
N THR A 294 -8.36 0.77 -5.89
CA THR A 294 -8.56 0.24 -7.23
C THR A 294 -10.03 0.02 -7.53
N LEU A 295 -10.77 -0.55 -6.57
CA LEU A 295 -12.20 -0.76 -6.76
C LEU A 295 -12.93 0.57 -6.98
N SER A 296 -12.60 1.58 -6.16
CA SER A 296 -13.25 2.87 -6.29
C SER A 296 -12.92 3.52 -7.64
N ASP A 297 -11.67 3.44 -8.07
CA ASP A 297 -11.29 4.02 -9.36
C ASP A 297 -12.04 3.34 -10.50
N SER A 298 -12.12 2.01 -10.47
CA SER A 298 -12.84 1.29 -11.52
C SER A 298 -14.31 1.68 -11.53
N LEU A 299 -14.94 1.74 -10.34
CA LEU A 299 -16.35 2.08 -10.27
C LEU A 299 -16.62 3.48 -10.80
N SER A 300 -15.82 4.45 -10.36
CA SER A 300 -16.03 5.83 -10.80
C SER A 300 -15.75 5.99 -12.28
N GLU A 301 -14.82 5.22 -12.83
CA GLU A 301 -14.52 5.32 -14.25
C GLU A 301 -15.62 4.70 -15.10
N ASN A 302 -16.21 3.60 -14.64
CA ASN A 302 -17.14 2.84 -15.48
C ASN A 302 -18.60 3.24 -15.32
N LEU A 303 -19.03 3.70 -14.15
CA LEU A 303 -20.46 3.95 -13.94
C LEU A 303 -20.96 5.09 -14.82
N SER A 304 -20.22 6.19 -14.88
CA SER A 304 -20.65 7.33 -15.69
C SER A 304 -20.69 6.97 -17.17
N LEU A 305 -19.68 6.25 -17.65
CA LEU A 305 -19.66 5.83 -19.05
C LEU A 305 -20.84 4.93 -19.36
N PHE A 306 -21.14 3.98 -18.47
CA PHE A 306 -22.27 3.08 -18.68
C PHE A 306 -23.57 3.87 -18.76
N LEU A 307 -23.78 4.80 -17.83
CA LEU A 307 -25.02 5.57 -17.82
C LEU A 307 -25.08 6.41 -19.09
N TRP A 308 -23.96 7.06 -19.44
CA TRP A 308 -23.96 7.93 -20.61
C TRP A 308 -24.32 7.17 -21.87
N TYR A 309 -23.67 6.02 -22.11
CA TYR A 309 -23.96 5.30 -23.34
C TYR A 309 -25.28 4.54 -23.34
N LEU A 310 -25.77 4.11 -22.16
CA LEU A 310 -27.10 3.54 -22.11
C LEU A 310 -28.16 4.57 -22.50
N VAL A 311 -28.03 5.80 -22.00
CA VAL A 311 -28.98 6.84 -22.36
C VAL A 311 -28.90 7.15 -23.86
N ARG A 312 -27.67 7.23 -24.40
CA ARG A 312 -27.52 7.50 -25.82
C ARG A 312 -28.14 6.39 -26.68
N GLY A 313 -27.93 5.14 -26.29
CA GLY A 313 -28.52 4.04 -27.04
C GLY A 313 -30.04 4.04 -26.96
N LEU A 314 -30.59 4.35 -25.78
CA LEU A 314 -32.03 4.44 -25.66
C LEU A 314 -32.60 5.56 -26.53
N CYS A 315 -31.87 6.68 -26.62
CA CYS A 315 -32.29 7.77 -27.49
C CYS A 315 -32.26 7.35 -28.95
N LEU A 316 -31.20 6.66 -29.37
CA LEU A 316 -31.08 6.24 -30.76
C LEU A 316 -32.12 5.18 -31.12
N LEU A 317 -32.57 4.39 -30.14
CA LEU A 317 -33.55 3.34 -30.42
C LEU A 317 -34.87 3.93 -30.92
N GLY A 318 -35.26 5.11 -30.43
CA GLY A 318 -36.49 5.72 -30.91
C GLY A 318 -36.41 6.11 -32.38
N ILE A 319 -35.30 6.73 -32.79
CA ILE A 319 -35.13 7.07 -34.20
C ILE A 319 -35.04 5.82 -35.05
N MET A 320 -34.40 4.76 -34.55
CA MET A 320 -34.36 3.50 -35.29
C MET A 320 -35.76 2.92 -35.47
N LEU A 321 -36.59 3.00 -34.43
CA LEU A 321 -37.97 2.55 -34.55
C LEU A 321 -38.75 3.39 -35.55
N TRP A 322 -38.50 4.71 -35.57
CA TRP A 322 -39.13 5.57 -36.56
C TRP A 322 -38.76 5.14 -37.97
N GLY A 323 -37.46 4.90 -38.20
CA GLY A 323 -37.02 4.58 -39.55
C GLY A 323 -37.61 3.29 -40.08
N SER A 324 -37.64 2.26 -39.24
CA SER A 324 -38.18 0.95 -39.62
C SER A 324 -38.44 0.14 -38.37
N VAL A 325 -39.58 -0.54 -38.32
CA VAL A 325 -39.95 -1.29 -37.13
C VAL A 325 -39.38 -2.70 -37.17
N SER A 326 -39.61 -3.42 -38.27
CA SER A 326 -39.21 -4.83 -38.34
C SER A 326 -37.70 -4.98 -38.22
N LEU A 327 -36.94 -4.11 -38.88
CA LEU A 327 -35.49 -4.17 -38.79
C LEU A 327 -35.02 -3.91 -37.36
N THR A 328 -35.67 -2.99 -36.66
CA THR A 328 -35.35 -2.78 -35.25
C THR A 328 -35.63 -4.03 -34.44
N MET A 329 -36.73 -4.73 -34.72
CA MET A 329 -37.04 -5.94 -33.99
C MET A 329 -36.01 -7.03 -34.24
N VAL A 330 -35.56 -7.19 -35.49
CA VAL A 330 -34.57 -8.23 -35.76
C VAL A 330 -33.23 -7.86 -35.13
N THR A 331 -32.89 -6.56 -35.11
CA THR A 331 -31.68 -6.14 -34.42
C THR A 331 -31.76 -6.46 -32.93
N LEU A 332 -32.90 -6.17 -32.30
CA LEU A 332 -33.06 -6.45 -30.88
C LEU A 332 -33.01 -7.95 -30.61
N ILE A 333 -33.58 -8.76 -31.50
CA ILE A 333 -33.53 -10.20 -31.33
C ILE A 333 -32.10 -10.72 -31.45
N THR A 334 -31.33 -10.18 -32.39
CA THR A 334 -29.96 -10.62 -32.58
C THR A 334 -29.06 -10.16 -31.43
N LEU A 335 -29.39 -9.04 -30.79
CA LEU A 335 -28.52 -8.44 -29.79
C LEU A 335 -28.07 -9.39 -28.67
N PRO A 336 -28.93 -10.20 -28.06
CA PRO A 336 -28.45 -11.07 -26.96
C PRO A 336 -27.41 -12.08 -27.38
N LEU A 337 -27.29 -12.39 -28.67
CA LEU A 337 -26.29 -13.36 -29.13
C LEU A 337 -24.87 -12.85 -28.95
N LEU A 338 -24.68 -11.53 -28.86
CA LEU A 338 -23.34 -10.98 -28.74
C LEU A 338 -22.78 -11.05 -27.33
N PHE A 339 -23.61 -11.35 -26.33
CA PHE A 339 -23.19 -11.37 -24.94
C PHE A 339 -22.91 -12.77 -24.42
N LEU A 340 -22.91 -13.78 -25.29
CA LEU A 340 -22.69 -15.15 -24.83
C LEU A 340 -21.23 -15.37 -24.44
N LEU A 341 -20.29 -14.90 -25.26
CA LEU A 341 -18.87 -15.14 -24.97
C LEU A 341 -18.40 -14.43 -23.69
N PRO A 342 -18.63 -13.13 -23.50
CA PRO A 342 -18.15 -12.49 -22.26
C PRO A 342 -18.73 -13.12 -21.00
N LYS A 343 -19.98 -13.58 -21.05
CA LYS A 343 -20.57 -14.24 -19.88
C LYS A 343 -19.82 -15.51 -19.54
N LYS A 344 -19.40 -16.27 -20.55
CA LYS A 344 -18.63 -17.48 -20.33
C LYS A 344 -17.16 -17.23 -20.07
N VAL A 345 -16.68 -16.00 -20.25
CA VAL A 345 -15.27 -15.69 -20.05
C VAL A 345 -14.96 -14.97 -18.73
N GLY A 346 -15.91 -14.18 -18.20
CA GLY A 346 -15.60 -13.28 -17.10
C GLY A 346 -15.02 -13.94 -15.86
N LYS A 347 -15.34 -15.22 -15.63
CA LYS A 347 -14.79 -15.91 -14.47
C LYS A 347 -13.27 -15.98 -14.53
N TRP A 348 -12.72 -16.13 -15.74
CA TRP A 348 -11.28 -16.15 -15.92
C TRP A 348 -10.66 -14.82 -15.48
N TYR A 349 -11.29 -13.71 -15.86
CA TYR A 349 -10.83 -12.40 -15.40
C TYR A 349 -10.88 -12.31 -13.88
N GLN A 350 -11.96 -12.81 -13.28
CA GLN A 350 -12.09 -12.77 -11.83
C GLN A 350 -10.91 -13.48 -11.15
N LEU A 351 -10.64 -14.72 -11.55
CA LEU A 351 -9.57 -15.47 -10.91
C LEU A 351 -8.21 -14.83 -11.16
N LEU A 352 -7.97 -14.34 -12.37
CA LEU A 352 -6.70 -13.71 -12.68
C LEU A 352 -6.47 -12.49 -11.81
N GLU A 353 -7.50 -11.66 -11.62
CA GLU A 353 -7.33 -10.47 -10.80
C GLU A 353 -7.14 -10.84 -9.33
N VAL A 354 -7.81 -11.89 -8.86
CA VAL A 354 -7.58 -12.36 -7.49
C VAL A 354 -6.12 -12.73 -7.30
N GLN A 355 -5.55 -13.48 -8.24
CA GLN A 355 -4.15 -13.86 -8.14
C GLN A 355 -3.22 -12.65 -8.17
N VAL A 356 -3.53 -11.66 -9.02
CA VAL A 356 -2.69 -10.47 -9.08
C VAL A 356 -2.69 -9.73 -7.74
N ARG A 357 -3.87 -9.58 -7.14
CA ARG A 357 -3.95 -8.91 -5.84
C ARG A 357 -3.16 -9.67 -4.78
N GLU A 358 -3.27 -11.00 -4.78
CA GLU A 358 -2.53 -11.79 -3.79
C GLU A 358 -1.03 -11.61 -3.95
N SER A 359 -0.53 -11.63 -5.18
CA SER A 359 0.91 -11.46 -5.41
C SER A 359 1.38 -10.08 -4.97
N LEU A 360 0.59 -9.04 -5.26
CA LEU A 360 0.95 -7.70 -4.82
C LEU A 360 1.01 -7.62 -3.30
N ALA A 361 0.05 -8.25 -2.63
CA ALA A 361 0.04 -8.24 -1.16
C ALA A 361 1.28 -8.94 -0.60
N LYS A 362 1.68 -10.06 -1.21
CA LYS A 362 2.88 -10.74 -0.73
C LYS A 362 4.12 -9.88 -0.91
N SER A 363 4.25 -9.21 -2.06
CA SER A 363 5.39 -8.32 -2.26
C SER A 363 5.41 -7.19 -1.24
N SER A 364 4.22 -6.64 -0.94
CA SER A 364 4.14 -5.57 0.05
C SER A 364 4.57 -6.06 1.44
N GLN A 365 4.16 -7.28 1.81
CA GLN A 365 4.58 -7.83 3.09
C GLN A 365 6.09 -7.98 3.16
N VAL A 366 6.70 -8.49 2.08
CA VAL A 366 8.16 -8.64 2.06
C VAL A 366 8.82 -7.28 2.22
N ALA A 367 8.34 -6.27 1.50
CA ALA A 367 8.94 -4.94 1.56
C ALA A 367 8.82 -4.35 2.96
N ILE A 368 7.65 -4.47 3.59
CA ILE A 368 7.46 -3.91 4.92
C ILE A 368 8.39 -4.58 5.93
N GLU A 369 8.44 -5.92 5.90
CA GLU A 369 9.28 -6.64 6.84
C GLU A 369 10.76 -6.32 6.65
N ALA A 370 11.22 -6.14 5.40
CA ALA A 370 12.60 -5.76 5.18
C ALA A 370 12.90 -4.32 5.60
N LEU A 371 12.02 -3.37 5.28
CA LEU A 371 12.26 -1.98 5.61
C LEU A 371 12.24 -1.74 7.11
N SER A 372 11.33 -2.36 7.84
CA SER A 372 11.49 -2.36 9.28
C SER A 372 12.64 -3.31 9.66
N ALA A 373 13.23 -3.06 10.82
CA ALA A 373 14.39 -3.82 11.30
C ALA A 373 15.58 -3.74 10.35
N MET A 374 15.85 -2.56 9.80
CA MET A 374 17.03 -2.38 8.97
C MET A 374 18.35 -2.65 9.67
N PRO A 375 18.57 -2.24 10.94
CA PRO A 375 19.85 -2.57 11.57
C PRO A 375 20.16 -4.05 11.64
N THR A 376 19.16 -4.90 11.84
CA THR A 376 19.39 -6.35 11.83
C THR A 376 19.83 -6.83 10.45
N VAL A 377 19.22 -6.31 9.39
CA VAL A 377 19.63 -6.68 8.04
C VAL A 377 21.05 -6.22 7.76
N ARG A 378 21.37 -5.00 8.18
CA ARG A 378 22.70 -4.45 7.93
C ARG A 378 23.78 -5.21 8.69
N SER A 379 23.49 -5.62 9.94
CA SER A 379 24.49 -6.27 10.76
C SER A 379 24.81 -7.68 10.28
N PHE A 380 23.99 -8.26 9.41
CA PHE A 380 24.26 -9.57 8.82
C PHE A 380 24.53 -9.51 7.33
N ALA A 381 24.62 -8.30 6.76
CA ALA A 381 24.96 -8.11 5.34
C ALA A 381 24.03 -8.88 4.43
N ASN A 382 22.72 -8.76 4.68
CA ASN A 382 21.71 -9.50 3.93
C ASN A 382 20.82 -8.60 3.08
N GLU A 383 21.37 -7.53 2.51
CA GLU A 383 20.57 -6.70 1.61
C GLU A 383 20.23 -7.45 0.32
N GLU A 384 21.20 -8.22 -0.20
CA GLU A 384 20.97 -8.96 -1.43
C GLU A 384 19.88 -10.02 -1.27
N GLY A 385 19.80 -10.66 -0.10
CA GLY A 385 18.74 -11.61 0.13
C GLY A 385 17.37 -10.98 0.11
N GLU A 386 17.23 -9.81 0.73
CA GLU A 386 15.95 -9.10 0.69
C GLU A 386 15.60 -8.69 -0.73
N ALA A 387 16.58 -8.21 -1.49
CA ALA A 387 16.32 -7.86 -2.88
C ALA A 387 15.89 -9.08 -3.69
N GLN A 388 16.52 -10.22 -3.44
CA GLN A 388 16.15 -11.45 -4.14
C GLN A 388 14.73 -11.89 -3.79
N LYS A 389 14.35 -11.75 -2.52
CA LYS A 389 12.97 -12.05 -2.14
C LYS A 389 12.00 -11.15 -2.88
N PHE A 390 12.31 -9.85 -2.97
CA PHE A 390 11.43 -8.92 -3.66
C PHE A 390 11.30 -9.27 -5.14
N ARG A 391 12.42 -9.62 -5.78
CA ARG A 391 12.38 -9.99 -7.19
C ARG A 391 11.58 -11.27 -7.41
N GLU A 392 11.73 -12.24 -6.51
CA GLU A 392 10.94 -13.47 -6.59
C GLU A 392 9.46 -13.17 -6.48
N LYS A 393 9.09 -12.21 -5.63
CA LYS A 393 7.69 -11.82 -5.56
C LYS A 393 7.22 -11.13 -6.83
N LEU A 394 8.09 -10.33 -7.47
CA LEU A 394 7.68 -9.60 -8.66
C LEU A 394 7.53 -10.51 -9.89
N GLN A 395 8.26 -11.62 -9.92
CA GLN A 395 8.20 -12.50 -11.09
C GLN A 395 6.79 -13.04 -11.33
N GLU A 396 6.09 -13.42 -10.26
CA GLU A 396 4.72 -13.92 -10.40
C GLU A 396 3.80 -12.86 -10.99
N ILE A 397 3.95 -11.61 -10.54
CA ILE A 397 3.15 -10.52 -11.08
C ILE A 397 3.41 -10.35 -12.58
N LYS A 398 4.68 -10.46 -12.98
CA LYS A 398 5.00 -10.38 -14.41
C LYS A 398 4.31 -11.50 -15.19
N THR A 399 4.36 -12.72 -14.66
CA THR A 399 3.73 -13.85 -15.32
C THR A 399 2.22 -13.62 -15.50
N LEU A 400 1.57 -13.06 -14.48
CA LEU A 400 0.13 -12.79 -14.59
C LEU A 400 -0.14 -11.65 -15.58
N ASN A 401 0.74 -10.64 -15.62
CA ASN A 401 0.53 -9.51 -16.51
C ASN A 401 0.59 -9.92 -17.97
N GLN A 402 1.43 -10.91 -18.29
CA GLN A 402 1.46 -11.40 -19.68
C GLN A 402 0.08 -11.91 -20.11
N LYS A 403 -0.54 -12.73 -19.27
CA LYS A 403 -1.88 -13.26 -19.57
C LYS A 403 -2.90 -12.13 -19.64
N GLU A 404 -2.77 -11.13 -18.76
CA GLU A 404 -3.69 -10.00 -18.81
C GLU A 404 -3.62 -9.28 -20.17
N ALA A 405 -2.40 -9.06 -20.67
CA ALA A 405 -2.25 -8.40 -21.96
C ALA A 405 -2.85 -9.22 -23.09
N VAL A 406 -2.61 -10.53 -23.09
CA VAL A 406 -3.17 -11.38 -24.14
C VAL A 406 -4.70 -11.34 -24.10
N ALA A 407 -5.28 -11.42 -22.91
CA ALA A 407 -6.73 -11.37 -22.77
C ALA A 407 -7.29 -10.04 -23.27
N TYR A 408 -6.60 -8.94 -22.94
CA TYR A 408 -7.03 -7.64 -23.44
C TYR A 408 -7.10 -7.61 -24.95
N ALA A 409 -6.05 -8.11 -25.61
CA ALA A 409 -6.04 -8.12 -27.07
C ALA A 409 -7.19 -8.96 -27.63
N VAL A 410 -7.40 -10.15 -27.06
CA VAL A 410 -8.44 -11.03 -27.59
C VAL A 410 -9.82 -10.41 -27.43
N ASN A 411 -10.10 -9.84 -26.27
CA ASN A 411 -11.39 -9.20 -26.04
C ASN A 411 -11.64 -8.03 -26.98
N SER A 412 -10.61 -7.21 -27.22
CA SER A 412 -10.76 -6.09 -28.15
C SER A 412 -11.03 -6.58 -29.58
N TRP A 413 -10.43 -7.70 -29.98
CA TRP A 413 -10.76 -8.27 -31.29
C TRP A 413 -12.23 -8.68 -31.32
N THR A 414 -12.67 -9.42 -30.29
CA THR A 414 -14.01 -10.00 -30.33
C THR A 414 -15.09 -8.94 -30.34
N THR A 415 -14.90 -7.85 -29.59
CA THR A 415 -15.92 -6.80 -29.56
C THR A 415 -16.14 -6.19 -30.94
N SER A 416 -15.05 -5.87 -31.64
CA SER A 416 -15.17 -5.28 -32.98
C SER A 416 -15.79 -6.27 -33.96
N ILE A 417 -15.42 -7.55 -33.86
CA ILE A 417 -16.04 -8.53 -34.76
C ILE A 417 -17.54 -8.61 -34.51
N SER A 418 -17.95 -8.58 -33.23
CA SER A 418 -19.37 -8.63 -32.91
C SER A 418 -20.12 -7.43 -33.48
N GLY A 419 -19.51 -6.24 -33.40
CA GLY A 419 -20.16 -5.07 -33.98
C GLY A 419 -20.29 -5.17 -35.48
N MET A 420 -19.22 -5.61 -36.15
CA MET A 420 -19.26 -5.73 -37.60
C MET A 420 -20.32 -6.73 -38.05
N LEU A 421 -20.50 -7.80 -37.29
CA LEU A 421 -21.50 -8.80 -37.67
C LEU A 421 -22.91 -8.20 -37.73
N LEU A 422 -23.27 -7.39 -36.73
CA LEU A 422 -24.57 -6.72 -36.76
C LEU A 422 -24.65 -5.75 -37.93
N LYS A 423 -23.61 -4.93 -38.11
CA LYS A 423 -23.66 -3.93 -39.17
C LYS A 423 -23.80 -4.57 -40.54
N VAL A 424 -23.30 -5.80 -40.70
CA VAL A 424 -23.40 -6.46 -42.00
C VAL A 424 -24.72 -7.20 -42.14
N GLY A 425 -25.19 -7.84 -41.08
CA GLY A 425 -26.45 -8.56 -41.16
C GLY A 425 -27.62 -7.65 -41.45
N ILE A 426 -27.65 -6.48 -40.79
CA ILE A 426 -28.76 -5.55 -41.05
C ILE A 426 -28.73 -5.06 -42.49
N LEU A 427 -27.54 -4.75 -43.02
CA LEU A 427 -27.44 -4.32 -44.41
C LEU A 427 -27.89 -5.41 -45.37
N TYR A 428 -27.51 -6.66 -45.09
CA TYR A 428 -27.93 -7.77 -45.95
C TYR A 428 -29.45 -7.92 -45.94
N ILE A 429 -30.07 -7.85 -44.76
CA ILE A 429 -31.53 -7.97 -44.71
C ILE A 429 -32.19 -6.80 -45.45
N GLY A 430 -31.66 -5.60 -45.27
CA GLY A 430 -32.23 -4.44 -45.95
C GLY A 430 -32.12 -4.54 -47.46
N GLY A 431 -31.01 -5.09 -47.94
CA GLY A 431 -30.86 -5.29 -49.39
C GLY A 431 -31.92 -6.20 -49.96
N GLN A 432 -32.20 -7.31 -49.27
CA GLN A 432 -33.28 -8.19 -49.70
C GLN A 432 -34.68 -7.59 -49.77
N LEU A 433 -35.08 -6.83 -48.74
CA LEU A 433 -36.41 -6.21 -48.76
C LEU A 433 -36.59 -5.04 -49.74
N VAL A 434 -35.47 -4.37 -50.05
CA VAL A 434 -35.53 -3.22 -50.93
C VAL A 434 -35.74 -3.80 -52.32
N THR A 435 -35.25 -5.01 -52.58
CA THR A 435 -35.43 -5.62 -53.90
C THR A 435 -36.86 -6.08 -54.10
N SER A 436 -37.49 -6.63 -53.06
CA SER A 436 -38.86 -7.12 -53.16
C SER A 436 -39.89 -6.00 -53.10
N GLY A 437 -39.48 -4.77 -52.85
CA GLY A 437 -40.40 -3.65 -52.78
C GLY A 437 -41.21 -3.54 -51.51
N ALA A 438 -40.85 -4.30 -50.47
CA ALA A 438 -41.59 -4.25 -49.22
C ALA A 438 -41.22 -3.05 -48.36
N VAL A 439 -40.17 -2.31 -48.71
CA VAL A 439 -39.74 -1.15 -47.93
C VAL A 439 -39.31 -0.05 -48.89
N SER A 440 -39.28 1.17 -48.38
CA SER A 440 -38.86 2.33 -49.15
C SER A 440 -37.40 2.67 -48.84
N SER A 441 -36.67 3.07 -49.88
CA SER A 441 -35.25 3.39 -49.71
C SER A 441 -35.06 4.58 -48.77
N GLY A 442 -35.96 5.56 -48.83
CA GLY A 442 -35.85 6.71 -47.96
C GLY A 442 -35.92 6.36 -46.49
N ASN A 443 -36.73 5.36 -46.15
CA ASN A 443 -36.79 4.89 -44.77
C ASN A 443 -35.58 4.03 -44.42
N LEU A 444 -35.11 3.21 -45.36
CA LEU A 444 -33.98 2.33 -45.08
C LEU A 444 -32.70 3.11 -44.80
N VAL A 445 -32.47 4.17 -45.59
CA VAL A 445 -31.25 4.95 -45.40
C VAL A 445 -31.24 5.63 -44.03
N THR A 446 -32.38 6.20 -43.63
CA THR A 446 -32.44 6.87 -42.33
C THR A 446 -32.46 5.87 -41.18
N PHE A 447 -32.87 4.62 -41.43
CA PHE A 447 -32.74 3.60 -40.41
C PHE A 447 -31.28 3.21 -40.20
N VAL A 448 -30.56 2.92 -41.29
CA VAL A 448 -29.18 2.44 -41.14
C VAL A 448 -28.26 3.54 -40.64
N LEU A 449 -28.54 4.80 -41.01
CA LEU A 449 -27.71 5.91 -40.57
C LEU A 449 -27.60 5.97 -39.05
N TYR A 450 -28.66 5.56 -38.35
CA TYR A 450 -28.64 5.53 -36.89
C TYR A 450 -28.36 4.14 -36.34
N GLN A 451 -28.61 3.10 -37.14
CA GLN A 451 -28.19 1.75 -36.76
C GLN A 451 -26.68 1.75 -36.57
N MET A 452 -25.96 2.52 -37.38
CA MET A 452 -24.51 2.61 -37.23
C MET A 452 -24.13 3.04 -35.81
N GLN A 453 -24.70 4.16 -35.35
CA GLN A 453 -24.39 4.66 -34.02
C GLN A 453 -24.90 3.77 -32.90
N PHE A 454 -26.04 3.11 -33.11
CA PHE A 454 -26.52 2.15 -32.11
C PHE A 454 -25.54 1.00 -31.94
N THR A 455 -24.97 0.51 -33.04
CA THR A 455 -23.97 -0.54 -32.94
C THR A 455 -22.73 -0.06 -32.20
N GLN A 456 -22.33 1.20 -32.43
CA GLN A 456 -21.20 1.75 -31.70
C GLN A 456 -21.47 1.78 -30.20
N ALA A 457 -22.67 2.22 -29.80
CA ALA A 457 -23.03 2.23 -28.38
C ALA A 457 -23.04 0.83 -27.80
N VAL A 458 -23.56 -0.14 -28.56
CA VAL A 458 -23.57 -1.53 -28.11
C VAL A 458 -22.15 -2.04 -27.92
N GLU A 459 -21.23 -1.64 -28.81
CA GLU A 459 -19.84 -2.04 -28.67
C GLU A 459 -19.23 -1.49 -27.38
N VAL A 460 -19.52 -0.22 -27.07
CA VAL A 460 -19.00 0.36 -25.82
C VAL A 460 -19.55 -0.40 -24.61
N LEU A 461 -20.85 -0.69 -24.63
CA LEU A 461 -21.44 -1.43 -23.52
C LEU A 461 -20.85 -2.83 -23.41
N LEU A 462 -20.53 -3.45 -24.54
CA LEU A 462 -19.86 -4.75 -24.51
C LEU A 462 -18.47 -4.66 -23.88
N SER A 463 -17.72 -3.61 -24.24
CA SER A 463 -16.38 -3.45 -23.69
C SER A 463 -16.41 -3.15 -22.20
N ILE A 464 -17.50 -2.60 -21.68
CA ILE A 464 -17.58 -2.30 -20.25
C ILE A 464 -17.56 -3.59 -19.42
N TYR A 465 -18.20 -4.65 -19.91
CA TYR A 465 -18.45 -5.85 -19.11
C TYR A 465 -17.19 -6.51 -18.53
N PRO A 466 -16.12 -6.77 -19.30
CA PRO A 466 -14.93 -7.39 -18.70
C PRO A 466 -14.33 -6.56 -17.57
N ARG A 467 -14.39 -5.24 -17.65
CA ARG A 467 -13.90 -4.42 -16.55
C ARG A 467 -14.73 -4.63 -15.29
N VAL A 468 -16.04 -4.82 -15.45
CA VAL A 468 -16.90 -5.11 -14.30
C VAL A 468 -16.50 -6.44 -13.68
N GLN A 469 -16.26 -7.46 -14.51
CA GLN A 469 -15.82 -8.75 -13.97
C GLN A 469 -14.48 -8.63 -13.25
N LYS A 470 -13.55 -7.87 -13.83
CA LYS A 470 -12.27 -7.64 -13.18
C LYS A 470 -12.42 -6.94 -11.84
N ALA A 471 -13.31 -5.94 -11.77
CA ALA A 471 -13.54 -5.24 -10.52
C ALA A 471 -14.14 -6.17 -9.47
N VAL A 472 -15.05 -7.05 -9.89
CA VAL A 472 -15.59 -8.06 -8.98
C VAL A 472 -14.47 -8.94 -8.45
N GLY A 473 -13.53 -9.31 -9.34
CA GLY A 473 -12.41 -10.13 -8.91
C GLY A 473 -11.49 -9.41 -7.94
N SER A 474 -11.31 -8.10 -8.11
CA SER A 474 -10.34 -7.36 -7.31
C SER A 474 -10.83 -7.04 -5.90
N SER A 475 -12.11 -7.23 -5.60
CA SER A 475 -12.66 -6.85 -4.31
C SER A 475 -13.09 -8.05 -3.47
N GLU A 476 -12.61 -9.25 -3.80
CA GLU A 476 -13.03 -10.45 -3.07
C GLU A 476 -12.58 -10.40 -1.62
N LYS A 477 -11.32 -10.02 -1.39
CA LYS A 477 -10.75 -10.10 -0.05
C LYS A 477 -11.35 -9.07 0.90
N ILE A 478 -11.53 -7.84 0.43
CA ILE A 478 -12.07 -6.79 1.31
C ILE A 478 -13.52 -7.07 1.66
N PHE A 479 -14.30 -7.59 0.70
CA PHE A 479 -15.67 -7.96 1.02
C PHE A 479 -15.73 -9.18 1.93
N GLU A 480 -14.75 -10.09 1.81
CA GLU A 480 -14.63 -11.17 2.78
C GLU A 480 -14.37 -10.63 4.19
N TYR A 481 -13.51 -9.61 4.28
CA TYR A 481 -13.26 -8.96 5.56
C TYR A 481 -14.55 -8.34 6.10
N LEU A 482 -15.30 -7.67 5.24
CA LEU A 482 -16.53 -7.00 5.67
C LEU A 482 -17.58 -8.01 6.14
N ASP A 483 -17.68 -9.15 5.47
CA ASP A 483 -18.70 -10.14 5.80
C ASP A 483 -18.26 -11.13 6.88
N ARG A 484 -16.99 -11.10 7.29
CA ARG A 484 -16.49 -12.08 8.23
C ARG A 484 -17.11 -11.89 9.61
N THR A 485 -17.40 -13.00 10.28
CA THR A 485 -17.92 -12.98 11.64
C THR A 485 -16.79 -13.22 12.62
N PRO A 486 -16.45 -12.28 13.49
CA PRO A 486 -15.33 -12.50 14.43
C PRO A 486 -15.57 -13.69 15.34
N ARG A 487 -14.50 -14.43 15.61
CA ARG A 487 -14.56 -15.61 16.46
C ARG A 487 -14.23 -15.28 17.91
N CYS A 488 -14.92 -14.30 18.47
CA CYS A 488 -14.69 -13.85 19.83
C CYS A 488 -15.99 -13.26 20.37
N PRO A 489 -16.22 -13.33 21.68
CA PRO A 489 -17.45 -12.76 22.24
C PRO A 489 -17.44 -11.25 22.10
N PRO A 490 -18.61 -10.63 21.98
CA PRO A 490 -18.68 -9.17 21.83
C PRO A 490 -18.53 -8.46 23.17
N SER A 491 -18.52 -7.14 23.11
CA SER A 491 -18.38 -6.33 24.31
C SER A 491 -19.61 -6.44 25.20
N GLY A 492 -19.39 -6.29 26.51
CA GLY A 492 -20.44 -6.34 27.49
C GLY A 492 -21.07 -4.99 27.75
N LEU A 493 -21.73 -4.88 28.89
CA LEU A 493 -22.44 -3.66 29.26
C LEU A 493 -22.20 -3.19 30.69
N LEU A 494 -21.48 -3.94 31.51
CA LEU A 494 -21.32 -3.58 32.91
C LEU A 494 -20.20 -2.57 33.11
N THR A 495 -20.52 -1.48 33.79
CA THR A 495 -19.53 -0.49 34.23
C THR A 495 -19.80 -0.14 35.69
N PRO A 496 -19.47 -1.05 36.61
CA PRO A 496 -19.74 -0.79 38.02
C PRO A 496 -19.01 0.46 38.53
N LEU A 497 -19.69 1.20 39.40
CA LEU A 497 -19.11 2.43 39.93
C LEU A 497 -17.87 2.14 40.77
N HIS A 498 -17.92 1.13 41.61
CA HIS A 498 -16.80 0.73 42.45
C HIS A 498 -16.46 -0.73 42.17
N LEU A 499 -15.19 -0.98 41.86
CA LEU A 499 -14.70 -2.32 41.55
C LEU A 499 -13.42 -2.58 42.31
N GLU A 500 -13.30 -3.79 42.86
CA GLU A 500 -12.08 -4.23 43.53
C GLU A 500 -11.46 -5.37 42.75
N GLY A 501 -10.13 -5.42 42.73
CA GLY A 501 -9.41 -6.36 41.91
C GLY A 501 -9.39 -7.78 42.44
N LEU A 502 -10.55 -8.40 42.60
CA LEU A 502 -10.63 -9.79 43.00
C LEU A 502 -10.72 -10.66 41.75
N VAL A 503 -9.67 -11.42 41.47
CA VAL A 503 -9.58 -12.27 40.29
C VAL A 503 -9.50 -13.72 40.73
N GLN A 504 -10.31 -14.58 40.11
CA GLN A 504 -10.35 -15.99 40.45
C GLN A 504 -10.14 -16.82 39.19
N PHE A 505 -9.13 -17.68 39.20
CA PHE A 505 -8.96 -18.71 38.18
C PHE A 505 -9.55 -20.01 38.70
N GLN A 506 -10.35 -20.66 37.87
CA GLN A 506 -11.07 -21.88 38.27
C GLN A 506 -10.85 -22.96 37.21
N ASP A 507 -9.79 -23.75 37.40
CA ASP A 507 -9.48 -24.90 36.53
C ASP A 507 -9.37 -24.47 35.07
N VAL A 508 -8.52 -23.48 34.82
CA VAL A 508 -8.38 -22.91 33.49
C VAL A 508 -7.36 -23.72 32.69
N SER A 509 -7.76 -24.10 31.48
CA SER A 509 -6.86 -24.75 30.53
C SER A 509 -7.00 -24.06 29.19
N PHE A 510 -5.90 -24.03 28.44
CA PHE A 510 -5.89 -23.24 27.21
C PHE A 510 -4.99 -23.91 26.17
N ALA A 511 -5.36 -23.74 24.91
CA ALA A 511 -4.54 -24.15 23.77
C ALA A 511 -4.69 -23.10 22.68
N TYR A 512 -3.57 -22.77 22.04
CA TYR A 512 -3.60 -21.73 21.01
C TYR A 512 -4.41 -22.20 19.81
N PRO A 513 -5.18 -21.31 19.18
CA PRO A 513 -6.07 -21.75 18.09
C PRO A 513 -5.36 -22.40 16.93
N ASN A 514 -4.15 -21.94 16.58
CA ASN A 514 -3.45 -22.52 15.44
C ASN A 514 -2.84 -23.88 15.75
N ARG A 515 -2.68 -24.22 17.03
CA ARG A 515 -2.20 -25.54 17.44
C ARG A 515 -3.07 -26.04 18.58
N PRO A 516 -4.32 -26.40 18.29
CA PRO A 516 -5.26 -26.75 19.37
C PRO A 516 -4.96 -28.08 20.05
N ASP A 517 -4.08 -28.91 19.50
CA ASP A 517 -3.82 -30.22 20.08
C ASP A 517 -2.97 -30.13 21.34
N VAL A 518 -2.10 -29.13 21.44
CA VAL A 518 -1.16 -29.00 22.54
C VAL A 518 -1.73 -28.04 23.57
N LEU A 519 -1.87 -28.49 24.81
CA LEU A 519 -2.35 -27.64 25.88
C LEU A 519 -1.18 -26.89 26.50
N VAL A 520 -1.27 -25.57 26.50
CA VAL A 520 -0.23 -24.74 27.13
C VAL A 520 -0.45 -24.58 28.63
N LEU A 521 -1.71 -24.52 29.06
CA LEU A 521 -2.05 -24.41 30.47
C LEU A 521 -3.03 -25.53 30.83
N GLN A 522 -2.93 -26.02 32.07
CA GLN A 522 -3.72 -27.15 32.51
C GLN A 522 -4.14 -26.95 33.96
N GLY A 523 -5.43 -26.75 34.19
CA GLY A 523 -5.99 -26.78 35.54
C GLY A 523 -5.45 -25.74 36.49
N LEU A 524 -5.33 -24.50 36.06
CA LEU A 524 -4.87 -23.43 36.94
C LEU A 524 -5.98 -23.02 37.90
N THR A 525 -5.64 -22.84 39.17
CA THR A 525 -6.61 -22.43 40.18
C THR A 525 -5.88 -21.58 41.21
N PHE A 526 -6.05 -20.26 41.13
CA PHE A 526 -5.46 -19.34 42.09
C PHE A 526 -6.30 -18.07 42.13
N THR A 527 -6.10 -17.29 43.19
CA THR A 527 -6.89 -16.09 43.43
C THR A 527 -5.98 -14.90 43.70
N LEU A 528 -6.33 -13.75 43.12
CA LEU A 528 -5.64 -12.49 43.38
C LEU A 528 -6.56 -11.60 44.22
N ARG A 529 -6.01 -11.02 45.28
CA ARG A 529 -6.80 -10.22 46.20
C ARG A 529 -6.21 -8.82 46.33
N PRO A 530 -7.04 -7.81 46.55
CA PRO A 530 -6.53 -6.44 46.69
C PRO A 530 -5.61 -6.31 47.89
N GLY A 531 -4.56 -5.50 47.72
CA GLY A 531 -3.59 -5.29 48.76
C GLY A 531 -2.54 -6.36 48.89
N GLU A 532 -2.51 -7.33 47.97
CA GLU A 532 -1.57 -8.44 48.02
C GLU A 532 -0.87 -8.58 46.68
N VAL A 533 0.37 -9.09 46.73
CA VAL A 533 1.18 -9.30 45.54
C VAL A 533 1.39 -10.80 45.37
N THR A 534 1.07 -11.30 44.17
CA THR A 534 1.26 -12.70 43.83
C THR A 534 2.30 -12.81 42.72
N ALA A 535 3.28 -13.68 42.92
CA ALA A 535 4.38 -13.85 41.99
C ALA A 535 4.21 -15.15 41.22
N LEU A 536 4.54 -15.11 39.93
CA LEU A 536 4.47 -16.26 39.04
C LEU A 536 5.86 -16.49 38.45
N VAL A 537 6.45 -17.65 38.74
CA VAL A 537 7.81 -17.96 38.32
C VAL A 537 7.84 -19.33 37.66
N GLY A 538 8.90 -19.57 36.91
CA GLY A 538 9.08 -20.82 36.22
C GLY A 538 10.08 -20.73 35.10
N PRO A 539 10.41 -21.87 34.48
CA PRO A 539 11.37 -21.87 33.37
C PRO A 539 10.79 -21.20 32.13
N ASN A 540 11.67 -20.99 31.15
CA ASN A 540 11.24 -20.39 29.90
C ASN A 540 10.25 -21.28 29.17
N GLY A 541 9.20 -20.68 28.62
CA GLY A 541 8.19 -21.42 27.89
C GLY A 541 7.17 -22.13 28.75
N SER A 542 7.08 -21.80 30.04
CA SER A 542 6.12 -22.45 30.92
C SER A 542 4.69 -21.99 30.70
N GLY A 543 4.48 -20.78 30.18
CA GLY A 543 3.15 -20.26 29.94
C GLY A 543 2.75 -19.06 30.77
N LYS A 544 3.71 -18.32 31.33
CA LYS A 544 3.37 -17.17 32.17
C LYS A 544 2.77 -16.04 31.34
N SER A 545 3.37 -15.74 30.20
CA SER A 545 2.81 -14.74 29.30
C SER A 545 1.45 -15.16 28.77
N THR A 546 1.20 -16.47 28.63
CA THR A 546 -0.13 -16.93 28.25
C THR A 546 -1.16 -16.61 29.32
N VAL A 547 -0.78 -16.77 30.59
CA VAL A 547 -1.67 -16.40 31.69
C VAL A 547 -1.93 -14.89 31.66
N ALA A 548 -0.88 -14.10 31.42
CA ALA A 548 -1.06 -12.66 31.31
C ALA A 548 -1.99 -12.29 30.16
N ALA A 549 -1.87 -12.96 29.01
CA ALA A 549 -2.75 -12.67 27.89
C ALA A 549 -4.19 -13.08 28.18
N LEU A 550 -4.38 -14.19 28.89
CA LEU A 550 -5.73 -14.60 29.26
C LEU A 550 -6.36 -13.60 30.23
N LEU A 551 -5.57 -13.07 31.15
CA LEU A 551 -6.13 -12.12 32.11
C LEU A 551 -6.53 -10.80 31.45
N GLN A 552 -5.94 -10.47 30.31
CA GLN A 552 -6.27 -9.25 29.58
C GLN A 552 -7.38 -9.46 28.56
N ASN A 553 -8.03 -10.63 28.57
CA ASN A 553 -9.15 -10.95 27.68
C ASN A 553 -8.74 -10.92 26.21
N LEU A 554 -7.48 -11.22 25.93
CA LEU A 554 -7.07 -11.38 24.54
C LEU A 554 -7.51 -12.71 23.96
N TYR A 555 -7.66 -13.72 24.81
CA TYR A 555 -8.11 -15.05 24.38
C TYR A 555 -9.13 -15.57 25.38
N GLN A 556 -9.93 -16.53 24.94
CA GLN A 556 -10.86 -17.15 25.87
C GLN A 556 -10.35 -18.54 26.26
N PRO A 557 -10.53 -18.93 27.52
CA PRO A 557 -10.07 -20.26 27.94
C PRO A 557 -10.85 -21.36 27.25
N THR A 558 -10.16 -22.46 26.97
CA THR A 558 -10.82 -23.64 26.42
C THR A 558 -11.54 -24.45 27.49
N GLY A 559 -11.26 -24.20 28.76
CA GLY A 559 -11.96 -24.86 29.84
C GLY A 559 -11.80 -24.09 31.13
N GLY A 560 -12.79 -24.22 32.01
CA GLY A 560 -12.77 -23.49 33.25
C GLY A 560 -13.31 -22.09 33.12
N GLN A 561 -13.24 -21.35 34.22
CA GLN A 561 -13.79 -20.01 34.31
C GLN A 561 -12.73 -19.03 34.80
N LEU A 562 -12.89 -17.77 34.40
CA LEU A 562 -12.01 -16.69 34.82
C LEU A 562 -12.90 -15.50 35.17
N LEU A 563 -13.01 -15.18 36.46
CA LEU A 563 -13.96 -14.19 36.94
C LEU A 563 -13.23 -12.99 37.51
N LEU A 564 -13.71 -11.79 37.17
CA LEU A 564 -13.27 -10.54 37.78
C LEU A 564 -14.41 -10.02 38.66
N ASP A 565 -14.17 -9.97 39.96
CA ASP A 565 -15.17 -9.53 40.93
C ASP A 565 -16.45 -10.36 40.84
N GLY A 566 -16.30 -11.65 40.57
CA GLY A 566 -17.40 -12.58 40.55
C GLY A 566 -18.12 -12.72 39.22
N LYS A 567 -17.68 -12.03 38.18
CA LYS A 567 -18.35 -12.09 36.90
C LYS A 567 -17.34 -12.30 35.77
N PRO A 568 -17.75 -12.95 34.69
CA PRO A 568 -16.82 -13.21 33.59
C PRO A 568 -16.36 -11.92 32.91
N LEU A 569 -15.14 -11.97 32.38
CA LEU A 569 -14.58 -10.81 31.70
C LEU A 569 -15.42 -10.30 30.53
N PRO A 570 -15.97 -11.13 29.63
CA PRO A 570 -16.73 -10.58 28.50
C PRO A 570 -18.00 -9.84 28.90
N GLN A 571 -18.39 -9.86 30.17
CA GLN A 571 -19.60 -9.16 30.59
C GLN A 571 -19.37 -7.67 30.86
N TYR A 572 -18.13 -7.21 30.84
CA TYR A 572 -17.82 -5.81 31.08
C TYR A 572 -17.66 -5.05 29.77
N GLU A 573 -17.82 -3.74 29.84
CA GLU A 573 -17.62 -2.90 28.67
C GLU A 573 -16.15 -2.90 28.27
N HIS A 574 -15.90 -2.81 26.97
CA HIS A 574 -14.55 -3.03 26.45
C HIS A 574 -13.55 -2.01 26.99
N ARG A 575 -13.92 -0.72 26.97
CA ARG A 575 -12.99 0.31 27.43
C ARG A 575 -12.90 0.34 28.95
N TYR A 576 -14.02 0.09 29.65
CA TYR A 576 -14.00 0.07 31.10
C TYR A 576 -13.10 -1.05 31.62
N LEU A 577 -13.19 -2.23 31.01
CA LEU A 577 -12.40 -3.36 31.45
C LEU A 577 -10.90 -3.08 31.32
N HIS A 578 -10.49 -2.48 30.20
CA HIS A 578 -9.08 -2.18 29.99
C HIS A 578 -8.63 -0.93 30.73
N ARG A 579 -9.55 -0.12 31.23
CA ARG A 579 -9.17 0.88 32.23
C ARG A 579 -8.92 0.24 33.58
N GLN A 580 -9.73 -0.76 33.95
CA GLN A 580 -9.59 -1.38 35.27
C GLN A 580 -8.41 -2.34 35.32
N VAL A 581 -8.08 -2.99 34.21
CA VAL A 581 -6.97 -3.94 34.14
C VAL A 581 -5.92 -3.38 33.20
N ALA A 582 -4.68 -3.30 33.68
CA ALA A 582 -3.58 -2.75 32.90
C ALA A 582 -2.36 -3.65 33.03
N ALA A 583 -1.52 -3.63 32.00
CA ALA A 583 -0.33 -4.46 31.95
C ALA A 583 0.80 -3.71 31.27
N VAL A 584 2.01 -4.23 31.41
CA VAL A 584 3.19 -3.61 30.80
C VAL A 584 3.58 -4.33 29.52
N GLY A 585 3.74 -5.65 29.56
CA GLY A 585 4.20 -6.41 28.41
C GLY A 585 5.66 -6.78 28.53
N GLN A 586 6.04 -7.93 27.96
CA GLN A 586 7.39 -8.44 28.17
C GLN A 586 8.43 -7.58 27.45
N GLU A 587 8.17 -7.22 26.20
CA GLU A 587 9.02 -6.30 25.45
C GLU A 587 8.11 -5.19 24.94
N PRO A 588 7.97 -4.10 25.71
CA PRO A 588 6.89 -3.14 25.46
C PRO A 588 7.04 -2.43 24.13
N GLN A 589 5.90 -2.09 23.54
CA GLN A 589 5.87 -1.31 22.31
C GLN A 589 5.44 0.13 22.60
N VAL A 590 6.04 1.07 21.89
CA VAL A 590 5.64 2.47 21.95
C VAL A 590 5.39 2.95 20.53
N PHE A 591 4.55 3.97 20.41
CA PHE A 591 4.11 4.48 19.12
C PHE A 591 4.87 5.76 18.75
N GLY A 592 4.81 6.10 17.47
CA GLY A 592 5.50 7.27 16.98
C GLY A 592 4.78 8.57 17.25
N ARG A 593 4.70 8.95 18.53
CA ARG A 593 4.03 10.16 18.97
C ARG A 593 4.89 10.83 20.02
N SER A 594 4.35 11.88 20.64
CA SER A 594 5.08 12.53 21.72
C SER A 594 5.06 11.67 22.98
N LEU A 595 6.03 11.93 23.86
CA LEU A 595 6.10 11.21 25.12
C LEU A 595 4.85 11.43 25.95
N GLN A 596 4.29 12.63 25.88
CA GLN A 596 3.05 12.91 26.61
C GLN A 596 1.90 12.05 26.08
N GLU A 597 1.80 11.91 24.76
CA GLU A 597 0.72 11.11 24.19
C GLU A 597 0.92 9.62 24.44
N ASN A 598 2.17 9.16 24.48
CA ASN A 598 2.42 7.75 24.75
C ASN A 598 1.97 7.36 26.16
N ILE A 599 2.26 8.20 27.15
CA ILE A 599 1.88 7.89 28.53
C ILE A 599 0.37 7.90 28.68
N ALA A 600 -0.29 8.88 28.08
CA ALA A 600 -1.75 9.01 28.17
C ALA A 600 -2.48 8.27 27.05
N TYR A 601 -1.86 7.25 26.46
CA TYR A 601 -2.48 6.54 25.34
C TYR A 601 -3.74 5.81 25.77
N GLY A 602 -4.78 5.92 24.97
CA GLY A 602 -6.00 5.16 25.16
C GLY A 602 -7.00 5.71 26.14
N LEU A 603 -6.70 6.83 26.79
CA LEU A 603 -7.63 7.38 27.77
C LEU A 603 -8.73 8.18 27.08
N THR A 604 -9.98 8.00 27.54
CA THR A 604 -11.11 8.68 26.94
C THR A 604 -11.03 10.19 27.11
N GLN A 605 -10.60 10.65 28.29
CA GLN A 605 -10.45 12.08 28.55
C GLN A 605 -9.00 12.36 28.93
N LYS A 606 -8.46 13.44 28.37
CA LYS A 606 -7.05 13.74 28.53
C LYS A 606 -6.73 14.09 29.98
N PRO A 607 -5.75 13.44 30.60
CA PRO A 607 -5.34 13.83 31.95
C PRO A 607 -4.57 15.13 31.92
N THR A 608 -4.55 15.81 33.07
CA THR A 608 -3.80 17.04 33.19
C THR A 608 -2.29 16.74 33.21
N MET A 609 -1.50 17.79 32.97
CA MET A 609 -0.05 17.63 32.99
C MET A 609 0.47 17.27 34.38
N GLU A 610 -0.33 17.48 35.42
CA GLU A 610 0.10 17.12 36.76
C GLU A 610 0.06 15.60 36.97
N GLU A 611 -0.96 14.94 36.42
CA GLU A 611 -1.08 13.49 36.57
C GLU A 611 0.00 12.77 35.78
N ILE A 612 0.30 13.26 34.57
CA ILE A 612 1.34 12.62 33.75
C ILE A 612 2.69 12.72 34.42
N THR A 613 3.00 13.89 34.99
CA THR A 613 4.26 14.05 35.70
C THR A 613 4.31 13.15 36.93
N ALA A 614 3.19 13.01 37.65
CA ALA A 614 3.15 12.13 38.80
C ALA A 614 3.42 10.69 38.42
N ALA A 615 2.80 10.24 37.32
CA ALA A 615 3.03 8.87 36.85
C ALA A 615 4.48 8.67 36.42
N ALA A 616 5.06 9.65 35.73
CA ALA A 616 6.46 9.56 35.31
C ALA A 616 7.39 9.54 36.52
N VAL A 617 7.06 10.28 37.57
CA VAL A 617 7.86 10.25 38.79
C VAL A 617 7.75 8.87 39.45
N LYS A 618 6.55 8.31 39.50
CA LYS A 618 6.36 7.00 40.09
C LYS A 618 7.16 5.93 39.34
N SER A 619 7.14 5.98 38.01
CA SER A 619 7.85 4.97 37.23
C SER A 619 9.34 5.20 37.16
N GLY A 620 9.81 6.39 37.54
CA GLY A 620 11.21 6.73 37.41
C GLY A 620 11.62 7.25 36.05
N ALA A 621 10.67 7.50 35.15
CA ALA A 621 11.00 8.01 33.83
C ALA A 621 11.12 9.53 33.82
N HIS A 622 10.74 10.21 34.92
CA HIS A 622 10.75 11.66 34.94
C HIS A 622 12.17 12.21 34.85
N SER A 623 13.16 11.47 35.37
CA SER A 623 14.52 11.99 35.44
C SER A 623 15.09 12.25 34.05
N PHE A 624 14.87 11.34 33.11
CA PHE A 624 15.47 11.48 31.79
C PHE A 624 14.58 12.28 30.84
N ILE A 625 13.26 12.30 31.10
CA ILE A 625 12.36 13.05 30.24
C ILE A 625 12.59 14.55 30.40
N SER A 626 12.78 15.00 31.65
CA SER A 626 13.02 16.42 31.89
C SER A 626 14.34 16.91 31.31
N GLY A 627 15.29 15.99 31.06
CA GLY A 627 16.55 16.37 30.46
C GLY A 627 16.51 16.57 28.96
N LEU A 628 15.43 16.18 28.30
CA LEU A 628 15.31 16.35 26.87
C LEU A 628 15.03 17.82 26.52
N PRO A 629 15.47 18.27 25.36
CA PRO A 629 15.24 19.68 24.98
C PRO A 629 13.77 20.08 24.94
N GLN A 630 12.89 19.19 24.48
CA GLN A 630 11.47 19.49 24.39
C GLN A 630 10.65 18.85 25.51
N GLY A 631 11.29 18.08 26.39
CA GLY A 631 10.57 17.48 27.50
C GLY A 631 9.52 16.50 27.04
N TYR A 632 8.31 16.65 27.60
CA TYR A 632 7.22 15.71 27.33
C TYR A 632 6.65 15.87 25.93
N ASP A 633 7.04 16.89 25.18
CA ASP A 633 6.58 17.08 23.82
C ASP A 633 7.54 16.48 22.80
N THR A 634 8.59 15.81 23.24
CA THR A 634 9.55 15.23 22.31
C THR A 634 8.91 14.11 21.49
N GLU A 635 9.09 14.18 20.17
CA GLU A 635 8.58 13.13 19.30
C GLU A 635 9.53 11.95 19.27
N VAL A 636 8.98 10.75 19.35
CA VAL A 636 9.75 9.53 19.21
C VAL A 636 9.33 8.86 17.91
N ASP A 637 10.25 8.05 17.37
CA ASP A 637 9.98 7.38 16.10
C ASP A 637 8.98 6.24 16.31
N GLU A 638 8.57 5.64 15.19
CA GLU A 638 7.49 4.66 15.20
C GLU A 638 7.83 3.41 16.01
N ALA A 639 9.11 3.12 16.24
CA ALA A 639 9.51 1.96 17.03
C ALA A 639 10.19 2.33 18.33
N GLY A 640 10.25 3.62 18.67
CA GLY A 640 10.98 4.04 19.86
C GLY A 640 12.47 3.77 19.79
N SER A 641 13.06 3.90 18.59
CA SER A 641 14.48 3.61 18.44
C SER A 641 15.35 4.70 19.06
N GLN A 642 14.80 5.91 19.22
CA GLN A 642 15.57 6.99 19.82
C GLN A 642 15.68 6.87 21.34
N LEU A 643 14.98 5.93 21.94
CA LEU A 643 15.13 5.65 23.37
C LEU A 643 15.93 4.38 23.58
N SER A 644 16.56 4.28 24.75
CA SER A 644 17.21 3.05 25.13
C SER A 644 16.18 2.07 25.69
N GLY A 645 16.63 0.84 25.97
CA GLY A 645 15.72 -0.19 26.45
C GLY A 645 15.11 0.15 27.80
N GLY A 646 15.94 0.59 28.75
CA GLY A 646 15.44 0.94 30.06
C GLY A 646 14.51 2.14 30.04
N GLN A 647 14.83 3.15 29.22
CA GLN A 647 13.95 4.30 29.09
C GLN A 647 12.60 3.90 28.51
N ARG A 648 12.61 3.04 27.50
CA ARG A 648 11.36 2.57 26.90
C ARG A 648 10.53 1.78 27.91
N GLN A 649 11.19 0.94 28.71
CA GLN A 649 10.46 0.16 29.72
C GLN A 649 9.88 1.07 30.79
N ALA A 650 10.63 2.09 31.20
CA ALA A 650 10.10 3.05 32.18
C ALA A 650 8.91 3.82 31.62
N VAL A 651 8.97 4.20 30.34
CA VAL A 651 7.85 4.88 29.72
C VAL A 651 6.62 3.97 29.69
N ALA A 652 6.83 2.69 29.39
CA ALA A 652 5.70 1.75 29.42
C ALA A 652 5.13 1.60 30.81
N LEU A 653 5.96 1.56 31.84
CA LEU A 653 5.47 1.48 33.21
C LEU A 653 4.66 2.73 33.57
N ALA A 654 5.15 3.90 33.17
CA ALA A 654 4.39 5.13 33.41
C ALA A 654 3.05 5.11 32.68
N ARG A 655 3.04 4.58 31.47
CA ARG A 655 1.78 4.42 30.74
C ARG A 655 0.82 3.50 31.49
N ALA A 656 1.33 2.43 32.08
CA ALA A 656 0.47 1.53 32.85
C ALA A 656 -0.07 2.20 34.11
N LEU A 657 0.75 3.00 34.79
CA LEU A 657 0.36 3.52 36.11
C LEU A 657 -0.65 4.66 36.02
N ILE A 658 -0.73 5.35 34.88
CA ILE A 658 -1.56 6.56 34.80
C ILE A 658 -3.03 6.22 34.96
N ARG A 659 -3.43 4.97 34.70
CA ARG A 659 -4.84 4.61 34.68
C ARG A 659 -5.39 4.33 36.07
N LYS A 660 -4.54 4.19 37.08
CA LYS A 660 -4.92 3.76 38.41
C LYS A 660 -5.75 2.47 38.37
N PRO A 661 -5.19 1.39 37.81
CA PRO A 661 -5.98 0.15 37.71
C PRO A 661 -6.12 -0.55 39.05
N CYS A 662 -7.17 -1.35 39.16
CA CYS A 662 -7.35 -2.21 40.32
C CYS A 662 -6.66 -3.56 40.16
N VAL A 663 -6.22 -3.90 38.95
CA VAL A 663 -5.40 -5.08 38.69
C VAL A 663 -4.20 -4.65 37.87
N LEU A 664 -3.00 -4.94 38.36
CA LEU A 664 -1.77 -4.56 37.69
C LEU A 664 -0.97 -5.81 37.34
N ILE A 665 -0.52 -5.88 36.09
CA ILE A 665 0.26 -7.00 35.58
C ILE A 665 1.63 -6.49 35.18
N LEU A 666 2.67 -7.11 35.73
CA LEU A 666 4.06 -6.74 35.44
C LEU A 666 4.75 -7.97 34.85
N ASP A 667 4.77 -8.04 33.51
CA ASP A 667 5.34 -9.19 32.80
C ASP A 667 6.82 -8.90 32.51
N ASP A 668 7.68 -9.34 33.44
CA ASP A 668 9.13 -9.14 33.32
C ASP A 668 9.49 -7.67 33.13
N ALA A 669 8.90 -6.79 33.95
CA ALA A 669 9.03 -5.36 33.75
C ALA A 669 10.37 -4.82 34.20
N THR A 670 11.21 -5.64 34.84
CA THR A 670 12.52 -5.20 35.30
C THR A 670 13.67 -5.80 34.51
N SER A 671 13.42 -6.32 33.31
CA SER A 671 14.48 -7.00 32.56
C SER A 671 15.55 -6.02 32.08
N ALA A 672 15.15 -4.80 31.71
CA ALA A 672 16.08 -3.82 31.15
C ALA A 672 16.41 -2.69 32.10
N LEU A 673 15.87 -2.69 33.32
CA LEU A 673 16.11 -1.62 34.26
C LEU A 673 17.41 -1.85 35.02
N ASP A 674 18.14 -0.78 35.30
CA ASP A 674 19.37 -0.89 36.06
C ASP A 674 19.06 -1.02 37.56
N ALA A 675 20.13 -1.02 38.36
CA ALA A 675 19.98 -1.22 39.80
C ALA A 675 19.18 -0.09 40.44
N ASN A 676 19.43 1.15 40.04
CA ASN A 676 18.75 2.28 40.64
C ASN A 676 17.26 2.27 40.31
N SER A 677 16.90 1.90 39.08
CA SER A 677 15.51 1.96 38.66
C SER A 677 14.66 0.82 39.23
N GLN A 678 15.30 -0.24 39.73
CA GLN A 678 14.55 -1.33 40.33
C GLN A 678 14.01 -0.96 41.71
N LEU A 679 14.65 -0.01 42.39
CA LEU A 679 14.13 0.45 43.68
C LEU A 679 12.76 1.11 43.51
N GLN A 680 12.52 1.77 42.38
CA GLN A 680 11.20 2.34 42.13
C GLN A 680 10.13 1.25 42.10
N VAL A 681 10.42 0.15 41.41
CA VAL A 681 9.47 -0.95 41.33
C VAL A 681 9.29 -1.60 42.70
N GLU A 682 10.38 -1.74 43.46
CA GLU A 682 10.28 -2.33 44.79
C GLU A 682 9.39 -1.48 45.70
N GLN A 683 9.60 -0.16 45.69
CA GLN A 683 8.80 0.73 46.51
C GLN A 683 7.34 0.72 46.05
N LEU A 684 7.12 0.67 44.74
CA LEU A 684 5.76 0.59 44.21
C LEU A 684 5.06 -0.68 44.70
N LEU A 685 5.77 -1.81 44.69
CA LEU A 685 5.16 -3.08 45.04
C LEU A 685 4.89 -3.20 46.54
N TYR A 686 5.87 -2.82 47.38
CA TYR A 686 5.80 -3.16 48.79
C TYR A 686 5.81 -1.97 49.74
N GLU A 687 5.89 -0.74 49.25
CA GLU A 687 5.98 0.43 50.13
C GLU A 687 4.99 1.54 49.80
N SER A 688 4.48 1.63 48.58
CA SER A 688 3.60 2.74 48.23
C SER A 688 2.29 2.64 49.00
N PRO A 689 1.68 3.77 49.37
CA PRO A 689 0.39 3.71 50.05
C PRO A 689 -0.77 3.30 49.14
N GLU A 690 -0.53 3.11 47.84
CA GLU A 690 -1.57 2.71 46.91
C GLU A 690 -1.65 1.19 46.75
N ARG A 691 -0.92 0.43 47.56
CA ARG A 691 -0.96 -1.03 47.46
C ARG A 691 -2.35 -1.57 47.77
N TYR A 692 -3.03 -0.98 48.77
CA TYR A 692 -4.28 -1.54 49.25
C TYR A 692 -5.41 -1.42 48.25
N SER A 693 -5.24 -0.62 47.19
CA SER A 693 -6.30 -0.42 46.22
C SER A 693 -6.18 -1.28 44.98
N ARG A 694 -5.18 -2.16 44.91
CA ARG A 694 -4.96 -2.95 43.71
C ARG A 694 -4.38 -4.32 44.07
N SER A 695 -4.57 -5.27 43.17
CA SER A 695 -3.92 -6.56 43.22
C SER A 695 -2.91 -6.68 42.08
N VAL A 696 -1.77 -7.29 42.38
CA VAL A 696 -0.63 -7.32 41.46
C VAL A 696 -0.32 -8.76 41.09
N LEU A 697 -0.15 -9.01 39.80
CA LEU A 697 0.38 -10.26 39.29
C LEU A 697 1.79 -9.99 38.78
N LEU A 698 2.79 -10.55 39.46
CA LEU A 698 4.19 -10.27 39.19
C LEU A 698 4.82 -11.46 38.49
N ILE A 699 5.33 -11.24 37.28
CA ILE A 699 6.04 -12.24 36.51
C ILE A 699 7.47 -11.73 36.30
N THR A 700 8.45 -12.52 36.73
CA THR A 700 9.83 -12.08 36.64
C THR A 700 10.77 -13.27 36.71
N GLN A 701 11.96 -13.09 36.14
CA GLN A 701 13.07 -14.03 36.31
C GLN A 701 14.05 -13.57 37.37
N HIS A 702 13.81 -12.42 38.00
CA HIS A 702 14.70 -11.85 39.02
C HIS A 702 14.12 -12.26 40.37
N LEU A 703 14.67 -13.32 40.95
CA LEU A 703 14.04 -13.97 42.09
C LEU A 703 14.17 -13.15 43.38
N SER A 704 15.13 -12.23 43.46
CA SER A 704 15.24 -11.40 44.65
C SER A 704 14.06 -10.44 44.80
N LEU A 705 13.40 -10.11 43.70
CA LEU A 705 12.20 -9.29 43.72
C LEU A 705 10.98 -10.05 44.26
N VAL A 706 11.09 -11.37 44.41
CA VAL A 706 9.94 -12.21 44.75
C VAL A 706 9.84 -12.49 46.24
N GLU A 707 10.92 -12.30 47.00
CA GLU A 707 10.97 -12.75 48.39
C GLU A 707 9.85 -12.16 49.25
N GLN A 708 9.43 -10.93 48.97
CA GLN A 708 8.43 -10.25 49.78
C GLN A 708 7.00 -10.46 49.30
N ALA A 709 6.80 -11.26 48.26
CA ALA A 709 5.46 -11.49 47.74
C ALA A 709 4.62 -12.29 48.73
N ASP A 710 3.32 -12.00 48.73
CA ASP A 710 2.41 -12.71 49.62
C ASP A 710 2.30 -14.19 49.25
N HIS A 711 2.19 -14.49 47.96
CA HIS A 711 2.13 -15.85 47.47
C HIS A 711 3.04 -16.01 46.27
N ILE A 712 3.63 -17.20 46.14
CA ILE A 712 4.51 -17.55 45.03
C ILE A 712 3.98 -18.82 44.39
N LEU A 713 3.75 -18.78 43.09
CA LEU A 713 3.28 -19.93 42.33
C LEU A 713 4.36 -20.33 41.34
N PHE A 714 4.80 -21.59 41.42
CA PHE A 714 5.80 -22.12 40.50
C PHE A 714 5.08 -22.84 39.37
N LEU A 715 5.24 -22.34 38.15
CA LEU A 715 4.57 -22.87 36.97
C LEU A 715 5.60 -23.58 36.10
N GLU A 716 5.39 -24.88 35.88
CA GLU A 716 6.27 -25.66 35.04
C GLU A 716 5.44 -26.55 34.14
N GLY A 717 5.66 -26.45 32.83
CA GLY A 717 4.90 -27.24 31.87
C GLY A 717 3.42 -26.96 31.86
N GLY A 718 3.02 -25.73 32.19
CA GLY A 718 1.62 -25.35 32.17
C GLY A 718 0.83 -25.74 33.39
N ALA A 719 1.46 -26.27 34.43
CA ALA A 719 0.78 -26.63 35.66
C ALA A 719 1.53 -26.05 36.84
N ILE A 720 0.79 -25.77 37.91
CA ILE A 720 1.37 -25.20 39.13
C ILE A 720 1.86 -26.35 40.00
N ARG A 721 3.17 -26.41 40.21
CA ARG A 721 3.78 -27.48 40.98
C ARG A 721 3.85 -27.16 42.47
N GLU A 722 4.24 -25.93 42.82
CA GLU A 722 4.42 -25.53 44.21
C GLU A 722 3.73 -24.19 44.45
N GLY A 723 3.40 -23.95 45.72
CA GLY A 723 2.78 -22.70 46.10
C GLY A 723 2.96 -22.38 47.57
N GLY A 724 3.12 -21.11 47.90
CA GLY A 724 3.29 -20.69 49.27
C GLY A 724 4.18 -19.47 49.33
N THR A 725 4.56 -19.11 50.56
CA THR A 725 5.44 -17.99 50.78
C THR A 725 6.89 -18.40 50.51
N HIS A 726 7.78 -17.40 50.53
CA HIS A 726 9.19 -17.67 50.28
C HIS A 726 9.77 -18.58 51.35
N GLN A 727 9.44 -18.34 52.61
CA GLN A 727 9.94 -19.19 53.70
C GLN A 727 9.40 -20.60 53.58
N GLN A 728 8.11 -20.74 53.28
CA GLN A 728 7.52 -22.07 53.15
C GLN A 728 8.11 -22.83 51.97
N LEU A 729 8.34 -22.14 50.84
CA LEU A 729 8.90 -22.81 49.68
C LEU A 729 10.37 -23.13 49.87
N MET A 730 11.09 -22.35 50.69
CA MET A 730 12.49 -22.65 50.96
C MET A 730 12.62 -23.80 51.95
N GLU A 731 11.72 -23.88 52.95
CA GLU A 731 11.77 -24.98 53.90
C GLU A 731 11.54 -26.32 53.22
N LYS A 732 10.57 -26.39 52.32
CA LYS A 732 10.30 -27.60 51.56
C LYS A 732 11.22 -27.61 50.34
N LYS A 733 12.14 -28.57 50.29
CA LYS A 733 13.05 -28.66 49.15
C LYS A 733 12.27 -29.06 47.90
N GLY A 734 12.52 -28.35 46.80
CA GLY A 734 11.80 -28.61 45.58
C GLY A 734 12.27 -27.79 44.39
N CYS A 735 11.36 -27.53 43.46
CA CYS A 735 11.72 -26.81 42.24
C CYS A 735 12.16 -25.38 42.55
N TYR A 736 11.39 -24.68 43.39
CA TYR A 736 11.75 -23.31 43.73
C TYR A 736 13.07 -23.25 44.49
N TRP A 737 13.27 -24.17 45.44
CA TRP A 737 14.52 -24.19 46.19
C TRP A 737 15.70 -24.48 45.28
N ALA A 738 15.55 -25.41 44.34
CA ALA A 738 16.62 -25.70 43.40
C ALA A 738 16.92 -24.51 42.51
N MET A 739 15.86 -23.82 42.05
CA MET A 739 16.07 -22.63 41.22
C MET A 739 16.79 -21.54 41.97
N VAL A 740 16.42 -21.31 43.24
CA VAL A 740 17.07 -20.27 44.03
C VAL A 740 18.52 -20.66 44.30
N GLN A 741 18.76 -21.91 44.69
CA GLN A 741 20.11 -22.39 44.96
C GLN A 741 20.81 -22.80 43.65
N ALA A 742 20.95 -21.81 42.77
CA ALA A 742 21.53 -22.06 41.45
C ALA A 742 22.97 -22.56 41.52
N PRO A 743 23.89 -21.96 42.30
CA PRO A 743 25.25 -22.50 42.29
C PRO A 743 25.35 -23.90 42.89
N MET B 138 9.86 13.20 -19.37
CA MET B 138 11.16 13.39 -18.71
C MET B 138 12.28 12.57 -19.32
N TRP B 139 13.50 13.12 -19.29
CA TRP B 139 14.64 12.42 -19.87
C TRP B 139 14.90 11.10 -19.16
N ARG B 140 14.84 11.11 -17.83
CA ARG B 140 15.13 9.90 -17.06
C ARG B 140 14.17 8.75 -17.31
N LEU B 141 12.88 9.06 -17.46
CA LEU B 141 11.89 8.01 -17.71
C LEU B 141 12.13 7.30 -19.04
N LEU B 142 12.52 8.06 -20.07
CA LEU B 142 12.82 7.44 -21.36
C LEU B 142 14.02 6.50 -21.26
N LYS B 143 15.08 6.95 -20.58
CA LYS B 143 16.26 6.10 -20.42
C LYS B 143 15.96 4.89 -19.55
N LEU B 144 14.97 5.00 -18.66
CA LEU B 144 14.54 3.86 -17.88
C LEU B 144 13.70 2.88 -18.68
N SER B 145 12.86 3.38 -19.58
CA SER B 145 12.01 2.54 -20.43
C SER B 145 12.72 2.08 -21.70
N ARG B 146 13.97 2.48 -21.90
CA ARG B 146 14.74 2.02 -23.05
C ARG B 146 14.72 0.52 -23.29
N PRO B 147 14.81 -0.36 -22.28
CA PRO B 147 14.74 -1.80 -22.56
C PRO B 147 13.44 -2.25 -23.21
N ASP B 148 12.43 -1.40 -23.31
CA ASP B 148 11.15 -1.77 -23.91
C ASP B 148 10.97 -1.20 -25.31
N LEU B 149 12.05 -0.83 -26.00
CA LEU B 149 11.93 -0.22 -27.32
C LEU B 149 11.26 -1.09 -28.37
N PRO B 150 11.62 -2.37 -28.56
CA PRO B 150 10.97 -3.16 -29.62
C PRO B 150 9.45 -3.25 -29.48
N LEU B 151 8.95 -3.41 -28.26
CA LEU B 151 7.51 -3.49 -28.04
C LEU B 151 6.83 -2.17 -28.37
N LEU B 152 7.46 -1.04 -28.01
CA LEU B 152 6.91 0.26 -28.38
C LEU B 152 6.90 0.44 -29.90
N VAL B 153 7.94 -0.02 -30.58
CA VAL B 153 7.97 0.07 -32.04
C VAL B 153 6.84 -0.73 -32.65
N ALA B 154 6.62 -1.95 -32.15
CA ALA B 154 5.53 -2.77 -32.65
C ALA B 154 4.18 -2.10 -32.41
N ALA B 155 4.00 -1.52 -31.23
CA ALA B 155 2.74 -0.82 -30.93
C ALA B 155 2.53 0.35 -31.88
N PHE B 156 3.59 1.11 -32.15
CA PHE B 156 3.47 2.24 -33.08
C PHE B 156 3.11 1.77 -34.48
N PHE B 157 3.72 0.68 -34.94
CA PHE B 157 3.41 0.15 -36.27
C PHE B 157 1.95 -0.30 -36.35
N PHE B 158 1.47 -1.00 -35.33
CA PHE B 158 0.07 -1.44 -35.32
C PHE B 158 -0.87 -0.25 -35.29
N LEU B 159 -0.52 0.79 -34.53
CA LEU B 159 -1.36 1.98 -34.47
C LEU B 159 -1.44 2.65 -35.84
N VAL B 160 -0.31 2.71 -36.55
CA VAL B 160 -0.30 3.30 -37.89
C VAL B 160 -1.22 2.51 -38.82
N LEU B 161 -1.14 1.18 -38.77
CA LEU B 161 -2.00 0.36 -39.61
C LEU B 161 -3.48 0.56 -39.29
N ALA B 162 -3.81 0.63 -38.00
CA ALA B 162 -5.21 0.84 -37.60
C ALA B 162 -5.73 2.18 -38.10
N VAL B 163 -4.91 3.23 -37.98
CA VAL B 163 -5.31 4.54 -38.49
C VAL B 163 -5.51 4.49 -40.00
N LEU B 164 -4.64 3.76 -40.71
CA LEU B 164 -4.78 3.66 -42.16
C LEU B 164 -6.11 3.01 -42.54
N GLY B 165 -6.50 1.94 -41.84
CA GLY B 165 -7.78 1.31 -42.13
C GLY B 165 -8.97 2.19 -41.78
N GLU B 166 -8.89 2.90 -40.64
CA GLU B 166 -9.98 3.73 -40.20
C GLU B 166 -10.20 4.92 -41.12
N THR B 167 -9.13 5.45 -41.72
CA THR B 167 -9.29 6.55 -42.67
C THR B 167 -9.97 6.24 -44.01
N LEU B 168 -10.21 4.98 -44.32
CA LEU B 168 -10.83 4.56 -45.56
C LEU B 168 -12.18 3.82 -45.44
N ILE B 169 -12.47 3.36 -44.23
CA ILE B 169 -13.74 2.68 -43.96
C ILE B 169 -14.86 3.64 -44.38
N PRO B 170 -14.83 4.93 -43.98
CA PRO B 170 -15.99 5.80 -44.25
C PRO B 170 -16.33 5.97 -45.72
N HIS B 171 -15.35 5.91 -46.63
CA HIS B 171 -15.66 6.06 -48.05
C HIS B 171 -16.59 4.95 -48.52
N TYR B 172 -16.28 3.70 -48.15
CA TYR B 172 -17.14 2.60 -48.57
C TYR B 172 -18.46 2.61 -47.81
N SER B 173 -18.46 3.10 -46.57
CA SER B 173 -19.73 3.28 -45.87
C SER B 173 -20.63 4.26 -46.63
N GLY B 174 -20.05 5.37 -47.09
CA GLY B 174 -20.82 6.34 -47.86
C GLY B 174 -21.27 5.79 -49.21
N ARG B 175 -20.43 4.98 -49.85
CA ARG B 175 -20.86 4.34 -51.10
C ARG B 175 -22.06 3.42 -50.86
N VAL B 176 -22.05 2.68 -49.76
CA VAL B 176 -23.21 1.85 -49.42
C VAL B 176 -24.42 2.73 -49.20
N ILE B 177 -24.26 3.85 -48.48
CA ILE B 177 -25.40 4.70 -48.16
C ILE B 177 -25.96 5.32 -49.44
N ASP B 178 -25.10 5.62 -50.42
CA ASP B 178 -25.58 6.16 -51.68
C ASP B 178 -26.27 5.08 -52.52
N ILE B 179 -25.71 3.87 -52.54
CA ILE B 179 -26.31 2.80 -53.33
C ILE B 179 -27.70 2.46 -52.81
N LEU B 180 -27.85 2.38 -51.49
CA LEU B 180 -29.17 2.11 -50.92
C LEU B 180 -30.15 3.24 -51.20
N GLY B 181 -29.66 4.48 -51.29
CA GLY B 181 -30.52 5.62 -51.52
C GLY B 181 -30.87 5.86 -52.96
N GLY B 182 -31.66 4.96 -53.55
CA GLY B 182 -32.12 5.11 -54.91
C GLY B 182 -31.14 4.53 -55.91
N ASP B 183 -31.69 4.16 -57.08
CA ASP B 183 -30.92 3.53 -58.16
C ASP B 183 -30.16 2.31 -57.66
N PHE B 184 -30.91 1.37 -57.10
CA PHE B 184 -30.29 0.20 -56.49
C PHE B 184 -29.64 -0.69 -57.53
N ASP B 185 -28.45 -1.20 -57.19
CA ASP B 185 -27.71 -2.13 -58.05
C ASP B 185 -27.14 -3.24 -57.17
N PRO B 186 -27.66 -4.47 -57.28
CA PRO B 186 -27.19 -5.54 -56.38
C PRO B 186 -25.71 -5.84 -56.50
N HIS B 187 -25.12 -5.72 -57.69
CA HIS B 187 -23.72 -6.07 -57.87
C HIS B 187 -22.80 -5.12 -57.09
N ALA B 188 -22.99 -3.80 -57.28
CA ALA B 188 -22.11 -2.84 -56.63
C ALA B 188 -22.37 -2.78 -55.12
N PHE B 189 -23.55 -3.19 -54.68
CA PHE B 189 -23.84 -3.26 -53.25
C PHE B 189 -22.91 -4.25 -52.55
N ALA B 190 -22.80 -5.46 -53.11
CA ALA B 190 -22.00 -6.51 -52.49
C ALA B 190 -20.52 -6.12 -52.43
N SER B 191 -20.01 -5.49 -53.50
CA SER B 191 -18.60 -5.10 -53.51
C SER B 191 -18.30 -4.09 -52.41
N ALA B 192 -19.17 -3.09 -52.25
CA ALA B 192 -18.96 -2.10 -51.20
C ALA B 192 -19.03 -2.73 -49.82
N ILE B 193 -19.99 -3.63 -49.61
CA ILE B 193 -20.09 -4.31 -48.32
C ILE B 193 -18.84 -5.13 -48.05
N PHE B 194 -18.33 -5.82 -49.07
CA PHE B 194 -17.14 -6.64 -48.91
C PHE B 194 -15.92 -5.79 -48.55
N PHE B 195 -15.75 -4.66 -49.23
CA PHE B 195 -14.62 -3.79 -48.93
C PHE B 195 -14.73 -3.23 -47.51
N MET B 196 -15.94 -2.83 -47.10
CA MET B 196 -16.13 -2.35 -45.74
C MET B 196 -15.75 -3.43 -44.73
N CYS B 197 -16.18 -4.66 -44.98
CA CYS B 197 -15.84 -5.77 -44.09
C CYS B 197 -14.33 -5.96 -43.99
N LEU B 198 -13.65 -5.95 -45.12
CA LEU B 198 -12.21 -6.17 -45.15
C LEU B 198 -11.48 -5.12 -44.34
N PHE B 199 -11.77 -3.85 -44.62
CA PHE B 199 -11.07 -2.78 -43.91
C PHE B 199 -11.38 -2.77 -42.42
N SER B 200 -12.64 -3.03 -42.04
CA SER B 200 -12.98 -3.10 -40.62
C SER B 200 -12.22 -4.23 -39.94
N PHE B 201 -12.13 -5.39 -40.58
CA PHE B 201 -11.42 -6.53 -40.01
C PHE B 201 -9.95 -6.18 -39.77
N GLY B 202 -9.29 -5.63 -40.78
CA GLY B 202 -7.88 -5.28 -40.64
C GLY B 202 -7.64 -4.25 -39.54
N SER B 203 -8.46 -3.19 -39.52
CA SER B 203 -8.28 -2.16 -38.51
C SER B 203 -8.50 -2.71 -37.11
N SER B 204 -9.51 -3.57 -36.94
CA SER B 204 -9.77 -4.16 -35.63
C SER B 204 -8.60 -5.00 -35.15
N LEU B 205 -8.04 -5.83 -36.03
CA LEU B 205 -6.90 -6.65 -35.62
C LEU B 205 -5.72 -5.78 -35.21
N SER B 206 -5.42 -4.74 -36.01
CA SER B 206 -4.30 -3.87 -35.67
C SER B 206 -4.52 -3.17 -34.34
N ALA B 207 -5.74 -2.69 -34.09
CA ALA B 207 -6.03 -2.00 -32.84
C ALA B 207 -5.86 -2.92 -31.64
N GLY B 208 -6.34 -4.16 -31.75
CA GLY B 208 -6.15 -5.11 -30.67
C GLY B 208 -4.69 -5.38 -30.36
N CYS B 209 -3.88 -5.59 -31.40
CA CYS B 209 -2.46 -5.81 -31.17
C CYS B 209 -1.81 -4.60 -30.49
N ARG B 210 -2.16 -3.39 -30.95
CA ARG B 210 -1.61 -2.17 -30.35
C ARG B 210 -1.96 -2.08 -28.87
N GLY B 211 -3.22 -2.34 -28.53
CA GLY B 211 -3.62 -2.27 -27.14
C GLY B 211 -2.88 -3.27 -26.26
N GLY B 212 -2.73 -4.50 -26.75
CA GLY B 212 -1.99 -5.49 -25.97
C GLY B 212 -0.55 -5.08 -25.73
N CYS B 213 0.11 -4.58 -26.78
CA CYS B 213 1.50 -4.16 -26.63
C CYS B 213 1.63 -3.02 -25.61
N PHE B 214 0.74 -2.03 -25.68
CA PHE B 214 0.82 -0.91 -24.74
C PHE B 214 0.60 -1.38 -23.30
N THR B 215 -0.37 -2.26 -23.08
CA THR B 215 -0.62 -2.76 -21.73
C THR B 215 0.61 -3.48 -21.17
N TYR B 216 1.22 -4.35 -21.98
CA TYR B 216 2.39 -5.07 -21.50
C TYR B 216 3.55 -4.13 -21.20
N THR B 217 3.75 -3.12 -22.05
CA THR B 217 4.83 -2.17 -21.80
C THR B 217 4.62 -1.45 -20.47
N MET B 218 3.38 -1.02 -20.21
CA MET B 218 3.09 -0.33 -18.96
C MET B 218 3.39 -1.21 -17.76
N SER B 219 2.97 -2.47 -17.81
CA SER B 219 3.21 -3.37 -16.69
C SER B 219 4.71 -3.59 -16.45
N ARG B 220 5.47 -3.79 -17.53
CA ARG B 220 6.90 -4.01 -17.39
C ARG B 220 7.59 -2.79 -16.78
N ILE B 221 7.22 -1.59 -17.23
CA ILE B 221 7.83 -0.38 -16.69
C ILE B 221 7.52 -0.26 -15.20
N ASN B 222 6.27 -0.54 -14.80
CA ASN B 222 5.91 -0.47 -13.39
C ASN B 222 6.77 -1.40 -12.55
N LEU B 223 6.91 -2.66 -12.99
CA LEU B 223 7.70 -3.62 -12.22
C LEU B 223 9.17 -3.20 -12.13
N ARG B 224 9.74 -2.71 -13.23
CA ARG B 224 11.13 -2.26 -13.21
C ARG B 224 11.33 -1.12 -12.22
N ILE B 225 10.40 -0.15 -12.21
CA ILE B 225 10.52 0.97 -11.28
C ILE B 225 10.46 0.47 -9.84
N ARG B 226 9.52 -0.44 -9.56
CA ARG B 226 9.42 -0.99 -8.20
C ARG B 226 10.73 -1.64 -7.78
N GLU B 227 11.29 -2.49 -8.64
CA GLU B 227 12.51 -3.20 -8.28
C GLU B 227 13.66 -2.23 -8.03
N GLN B 228 13.83 -1.24 -8.91
CA GLN B 228 14.95 -0.30 -8.74
C GLN B 228 14.80 0.53 -7.48
N LEU B 229 13.58 0.99 -7.18
CA LEU B 229 13.37 1.79 -5.97
C LEU B 229 13.66 0.97 -4.72
N PHE B 230 13.17 -0.28 -4.68
CA PHE B 230 13.42 -1.09 -3.49
C PHE B 230 14.90 -1.40 -3.34
N SER B 231 15.59 -1.66 -4.45
CA SER B 231 17.02 -1.91 -4.36
C SER B 231 17.78 -0.68 -3.88
N SER B 232 17.36 0.51 -4.30
CA SER B 232 18.05 1.72 -3.86
C SER B 232 17.80 2.04 -2.40
N LEU B 233 16.60 1.71 -1.89
CA LEU B 233 16.30 2.02 -0.48
C LEU B 233 17.21 1.23 0.47
N LEU B 234 17.57 0.01 0.09
CA LEU B 234 18.33 -0.86 0.98
C LEU B 234 19.76 -0.37 1.21
N ARG B 235 20.26 0.55 0.40
CA ARG B 235 21.63 1.01 0.52
C ARG B 235 21.77 2.24 1.41
N GLN B 236 20.68 2.83 1.87
CA GLN B 236 20.76 4.08 2.61
C GLN B 236 21.32 3.85 4.01
N ASP B 237 21.83 4.93 4.60
CA ASP B 237 22.37 4.86 5.95
C ASP B 237 21.24 4.69 6.97
N LEU B 238 21.63 4.29 8.19
CA LEU B 238 20.63 4.04 9.23
C LEU B 238 19.91 5.31 9.67
N GLY B 239 20.55 6.48 9.54
CA GLY B 239 19.88 7.72 9.88
C GLY B 239 18.74 8.05 8.94
N PHE B 240 18.77 7.54 7.72
CA PHE B 240 17.70 7.78 6.77
C PHE B 240 16.38 7.19 7.26
N PHE B 241 16.44 6.01 7.89
CA PHE B 241 15.24 5.32 8.32
C PHE B 241 14.67 5.87 9.62
N GLN B 242 15.42 6.69 10.34
CA GLN B 242 14.84 7.42 11.48
C GLN B 242 14.00 8.60 10.99
N GLU B 243 14.45 9.27 9.93
CA GLU B 243 13.71 10.42 9.41
C GLU B 243 12.39 9.99 8.78
N THR B 244 12.40 8.90 8.01
CA THR B 244 11.22 8.45 7.30
C THR B 244 10.44 7.44 8.12
N LYS B 245 9.33 6.97 7.55
CA LYS B 245 8.47 5.99 8.20
C LYS B 245 8.21 4.85 7.24
N THR B 246 8.11 3.64 7.78
CA THR B 246 7.99 2.45 6.93
C THR B 246 6.69 2.44 6.14
N GLY B 247 5.58 2.85 6.76
CA GLY B 247 4.32 2.91 6.03
C GLY B 247 4.35 3.90 4.89
N GLU B 248 5.01 5.04 5.07
CA GLU B 248 5.11 6.03 3.99
C GLU B 248 6.00 5.53 2.86
N LEU B 249 7.08 4.83 3.20
CA LEU B 249 7.93 4.24 2.17
C LEU B 249 7.17 3.17 1.39
N ASN B 250 6.38 2.35 2.08
CA ASN B 250 5.57 1.35 1.41
C ASN B 250 4.53 2.02 0.51
N SER B 251 3.96 3.13 0.96
CA SER B 251 3.02 3.89 0.13
C SER B 251 3.71 4.42 -1.12
N ARG B 252 4.93 4.92 -0.98
CA ARG B 252 5.69 5.37 -2.15
C ARG B 252 5.93 4.22 -3.12
N LEU B 253 6.23 3.04 -2.59
CA LEU B 253 6.44 1.87 -3.45
C LEU B 253 5.16 1.48 -4.17
N SER B 254 4.02 1.54 -3.49
CA SER B 254 2.79 0.96 -4.01
C SER B 254 1.96 1.91 -4.86
N SER B 255 1.99 3.21 -4.58
CA SER B 255 1.05 4.13 -5.22
C SER B 255 1.76 5.02 -6.23
N ASP B 256 2.94 5.55 -5.88
CA ASP B 256 3.62 6.48 -6.78
C ASP B 256 4.09 5.79 -8.06
N THR B 257 4.48 4.52 -7.96
CA THR B 257 4.96 3.80 -9.14
C THR B 257 3.90 3.61 -10.22
N THR B 258 2.67 3.30 -9.82
CA THR B 258 1.59 3.17 -10.80
C THR B 258 1.31 4.49 -11.49
N LEU B 259 1.35 5.60 -10.74
CA LEU B 259 1.17 6.91 -11.32
C LEU B 259 2.27 7.19 -12.35
N MET B 260 3.50 6.80 -12.03
CA MET B 260 4.59 6.95 -12.98
C MET B 260 4.37 6.11 -14.24
N SER B 261 3.91 4.87 -14.07
CA SER B 261 3.88 3.93 -15.17
C SER B 261 2.67 4.12 -16.08
N ASN B 262 1.56 4.65 -15.57
CA ASN B 262 0.33 4.72 -16.35
C ASN B 262 0.31 5.86 -17.37
N TRP B 263 1.45 6.49 -17.66
CA TRP B 263 1.50 7.57 -18.63
C TRP B 263 1.61 7.09 -20.07
N LEU B 264 1.92 5.81 -20.29
CA LEU B 264 2.16 5.28 -21.63
C LEU B 264 0.88 4.96 -22.41
N PRO B 265 -0.04 4.11 -21.87
CA PRO B 265 -1.07 3.53 -22.74
C PRO B 265 -2.05 4.53 -23.34
N LEU B 266 -2.71 5.32 -22.50
CA LEU B 266 -3.80 6.17 -22.97
C LEU B 266 -3.28 7.41 -23.72
N ASN B 267 -2.15 7.96 -23.27
CA ASN B 267 -1.69 9.23 -23.81
C ASN B 267 -1.11 9.07 -25.22
N ALA B 268 -0.36 8.00 -25.45
CA ALA B 268 0.34 7.84 -26.73
C ALA B 268 -0.63 7.69 -27.89
N ASN B 269 -1.65 6.85 -27.72
CA ASN B 269 -2.61 6.62 -28.81
C ASN B 269 -3.35 7.90 -29.17
N VAL B 270 -3.84 8.62 -28.15
CA VAL B 270 -4.55 9.87 -28.39
C VAL B 270 -3.62 10.90 -29.03
N LEU B 271 -2.37 10.98 -28.54
CA LEU B 271 -1.40 11.90 -29.12
C LEU B 271 -1.22 11.65 -30.61
N LEU B 272 -0.92 10.40 -30.98
CA LEU B 272 -0.66 10.10 -32.38
C LEU B 272 -1.89 10.30 -33.24
N ARG B 273 -3.06 9.87 -32.76
CA ARG B 273 -4.28 10.02 -33.54
C ARG B 273 -4.60 11.49 -33.77
N SER B 274 -4.50 12.31 -32.72
CA SER B 274 -4.79 13.73 -32.85
C SER B 274 -3.79 14.42 -33.76
N LEU B 275 -2.50 14.05 -33.66
CA LEU B 275 -1.50 14.65 -34.53
C LEU B 275 -1.79 14.32 -36.00
N VAL B 276 -2.13 13.06 -36.27
CA VAL B 276 -2.44 12.66 -37.64
C VAL B 276 -3.66 13.42 -38.15
N LYS B 277 -4.71 13.50 -37.31
CA LYS B 277 -5.92 14.20 -37.74
C LYS B 277 -5.65 15.67 -38.01
N VAL B 278 -4.87 16.33 -37.16
CA VAL B 278 -4.57 17.75 -37.35
C VAL B 278 -3.78 17.95 -38.63
N VAL B 279 -2.74 17.14 -38.85
CA VAL B 279 -1.91 17.29 -40.03
C VAL B 279 -2.73 17.07 -41.30
N GLY B 280 -3.58 16.04 -41.30
CA GLY B 280 -4.42 15.79 -42.46
C GLY B 280 -5.44 16.89 -42.69
N LEU B 281 -6.09 17.36 -41.63
CA LEU B 281 -7.18 18.31 -41.79
C LEU B 281 -6.67 19.69 -42.20
N TYR B 282 -5.47 20.07 -41.75
CA TYR B 282 -4.94 21.38 -42.17
C TYR B 282 -4.62 21.40 -43.66
N GLY B 283 -4.21 20.25 -44.22
CA GLY B 283 -3.93 20.20 -45.64
C GLY B 283 -5.17 20.35 -46.51
N PHE B 284 -6.28 19.72 -46.10
CA PHE B 284 -7.52 19.81 -46.87
C PHE B 284 -7.99 21.24 -46.97
N MET B 285 -7.76 22.03 -45.92
CA MET B 285 -8.32 23.37 -45.79
C MET B 285 -7.61 24.41 -46.64
N LEU B 286 -6.67 24.01 -47.50
CA LEU B 286 -5.97 24.96 -48.35
C LEU B 286 -6.86 25.55 -49.43
N SER B 287 -8.16 25.22 -49.45
CA SER B 287 -9.08 25.85 -50.38
C SER B 287 -9.14 27.36 -50.21
N ILE B 288 -8.98 27.87 -49.00
CA ILE B 288 -8.89 29.31 -48.77
C ILE B 288 -7.63 29.58 -47.96
N SER B 289 -6.52 29.84 -48.66
CA SER B 289 -5.25 30.07 -47.98
C SER B 289 -5.22 31.28 -47.06
N PRO B 290 -5.73 32.48 -47.42
CA PRO B 290 -5.59 33.61 -46.50
C PRO B 290 -6.26 33.39 -45.16
N ARG B 291 -7.36 32.64 -45.12
CA ARG B 291 -8.04 32.39 -43.85
C ARG B 291 -7.21 31.47 -42.96
N LEU B 292 -6.41 30.58 -43.57
CA LEU B 292 -5.59 29.65 -42.78
C LEU B 292 -4.52 30.39 -41.99
N THR B 293 -3.95 31.44 -42.58
CA THR B 293 -2.87 32.16 -41.90
C THR B 293 -3.61 32.91 -40.78
N LEU B 294 -4.73 33.56 -41.13
CA LEU B 294 -5.55 34.16 -40.06
C LEU B 294 -5.89 33.24 -38.80
N LEU B 295 -6.40 32.07 -39.19
CA LEU B 295 -6.49 30.95 -38.25
C LEU B 295 -5.34 30.47 -37.38
N SER B 296 -4.20 30.16 -38.00
CA SER B 296 -3.04 29.68 -37.24
C SER B 296 -2.49 30.77 -36.32
N LEU B 297 -2.70 32.03 -36.67
CA LEU B 297 -2.26 33.12 -35.81
C LEU B 297 -3.20 33.39 -34.64
N LEU B 298 -4.46 32.99 -34.74
CA LEU B 298 -5.45 33.29 -33.70
C LEU B 298 -5.83 32.10 -32.84
N HIS B 299 -6.26 30.98 -33.44
CA HIS B 299 -6.82 29.89 -32.65
C HIS B 299 -5.75 29.17 -31.84
N MET B 300 -4.54 29.06 -32.39
CA MET B 300 -3.47 28.28 -31.76
C MET B 300 -2.92 28.94 -30.50
N PRO B 301 -2.44 30.20 -30.54
CA PRO B 301 -1.72 30.72 -29.37
C PRO B 301 -2.62 31.28 -28.28
N PHE B 302 -3.94 31.19 -28.42
CA PHE B 302 -4.83 31.71 -27.38
C PHE B 302 -4.82 30.83 -26.13
N THR B 303 -4.66 29.53 -26.30
CA THR B 303 -4.75 28.59 -25.19
C THR B 303 -3.47 28.47 -24.38
N ILE B 304 -2.36 29.06 -24.85
CA ILE B 304 -1.07 28.83 -24.20
C ILE B 304 -1.03 29.49 -22.82
N ALA B 305 -1.66 30.65 -22.67
CA ALA B 305 -1.47 31.45 -21.46
C ALA B 305 -2.05 30.76 -20.22
N ALA B 306 -3.26 30.22 -20.32
CA ALA B 306 -3.92 29.66 -19.14
C ALA B 306 -3.35 28.30 -18.74
N GLU B 307 -2.87 27.52 -19.71
CA GLU B 307 -2.38 26.19 -19.41
C GLU B 307 -1.12 26.24 -18.56
N LYS B 308 -0.33 27.32 -18.66
CA LYS B 308 0.84 27.45 -17.80
C LYS B 308 0.44 27.51 -16.33
N VAL B 309 -0.63 28.23 -16.01
CA VAL B 309 -1.14 28.27 -14.64
C VAL B 309 -1.76 26.93 -14.26
N TYR B 310 -2.57 26.36 -15.17
CA TYR B 310 -3.29 25.14 -14.83
C TYR B 310 -2.34 23.99 -14.54
N ASN B 311 -1.27 23.85 -15.34
CA ASN B 311 -0.33 22.76 -15.13
C ASN B 311 0.36 22.86 -13.78
N THR B 312 0.76 24.08 -13.40
CA THR B 312 1.39 24.29 -12.09
C THR B 312 0.44 23.89 -10.97
N ARG B 313 -0.80 24.36 -11.04
CA ARG B 313 -1.76 24.03 -9.99
C ARG B 313 -2.02 22.53 -9.92
N HIS B 314 -2.15 21.88 -11.09
CA HIS B 314 -2.40 20.44 -11.14
C HIS B 314 -1.24 19.67 -10.54
N GLN B 315 0.00 20.05 -10.87
CA GLN B 315 1.16 19.35 -10.31
C GLN B 315 1.22 19.51 -8.80
N GLU B 316 0.96 20.71 -8.30
CA GLU B 316 0.98 20.93 -6.85
C GLU B 316 -0.08 20.08 -6.16
N VAL B 317 -1.29 20.03 -6.72
CA VAL B 317 -2.35 19.27 -6.07
C VAL B 317 -2.04 17.77 -6.11
N LEU B 318 -1.43 17.28 -7.19
CA LEU B 318 -1.07 15.87 -7.25
C LEU B 318 -0.03 15.52 -6.19
N ARG B 319 0.98 16.38 -6.04
CA ARG B 319 2.00 16.14 -5.01
C ARG B 319 1.38 16.11 -3.62
N GLU B 320 0.49 17.07 -3.34
CA GLU B 320 -0.17 17.09 -2.04
C GLU B 320 -1.02 15.84 -1.82
N ILE B 321 -1.70 15.38 -2.87
CA ILE B 321 -2.51 14.16 -2.76
C ILE B 321 -1.64 12.97 -2.39
N GLN B 322 -0.48 12.83 -3.05
CA GLN B 322 0.40 11.70 -2.74
C GLN B 322 0.90 11.78 -1.30
N ASP B 323 1.26 12.98 -0.83
CA ASP B 323 1.71 13.12 0.55
C ASP B 323 0.61 12.71 1.53
N ALA B 324 -0.62 13.16 1.27
CA ALA B 324 -1.74 12.82 2.15
C ALA B 324 -1.99 11.30 2.15
N VAL B 325 -1.87 10.66 0.99
CA VAL B 325 -2.08 9.22 0.91
C VAL B 325 -1.04 8.49 1.75
N ALA B 326 0.23 8.92 1.67
CA ALA B 326 1.26 8.28 2.49
C ALA B 326 0.98 8.46 3.97
N ARG B 327 0.58 9.67 4.37
CA ARG B 327 0.26 9.91 5.78
C ARG B 327 -0.89 9.01 6.23
N ALA B 328 -1.90 8.83 5.39
CA ALA B 328 -3.02 7.96 5.75
C ALA B 328 -2.56 6.51 5.88
N GLY B 329 -1.66 6.06 5.00
CA GLY B 329 -1.17 4.69 5.09
C GLY B 329 -0.37 4.41 6.34
N GLN B 330 0.38 5.41 6.83
CA GLN B 330 1.15 5.21 8.05
C GLN B 330 0.25 4.86 9.24
N VAL B 331 -0.96 5.42 9.29
CA VAL B 331 -1.87 5.13 10.40
C VAL B 331 -2.23 3.65 10.43
N VAL B 332 -2.58 3.09 9.27
CA VAL B 332 -2.89 1.66 9.19
C VAL B 332 -1.67 0.84 9.55
N ARG B 333 -0.49 1.24 9.06
CA ARG B 333 0.73 0.53 9.39
C ARG B 333 0.91 0.41 10.90
N GLU B 334 0.84 1.56 11.60
CA GLU B 334 1.04 1.54 13.04
C GLU B 334 -0.06 0.77 13.77
N ALA B 335 -1.31 0.95 13.36
CA ALA B 335 -2.41 0.31 14.07
C ALA B 335 -2.37 -1.20 13.93
N VAL B 336 -2.09 -1.70 12.73
CA VAL B 336 -2.05 -3.15 12.52
C VAL B 336 -0.79 -3.75 13.13
N GLY B 337 0.35 -3.07 13.02
CA GLY B 337 1.58 -3.62 13.55
C GLY B 337 1.56 -3.85 15.04
N GLY B 338 0.92 -2.95 15.79
CA GLY B 338 0.86 -3.06 17.24
C GLY B 338 -0.51 -3.41 17.77
N LEU B 339 -1.16 -4.39 17.12
CA LEU B 339 -2.56 -4.67 17.42
C LEU B 339 -2.77 -5.10 18.87
N GLN B 340 -1.87 -5.94 19.40
CA GLN B 340 -2.09 -6.48 20.75
C GLN B 340 -2.03 -5.39 21.81
N THR B 341 -1.11 -4.44 21.68
CA THR B 341 -1.04 -3.32 22.63
C THR B 341 -2.30 -2.47 22.54
N VAL B 342 -2.75 -2.18 21.32
CA VAL B 342 -3.95 -1.36 21.14
C VAL B 342 -5.16 -2.04 21.78
N ARG B 343 -5.29 -3.35 21.58
CA ARG B 343 -6.39 -4.09 22.19
C ARG B 343 -6.26 -4.13 23.70
N SER B 344 -5.02 -4.28 24.21
CA SER B 344 -4.81 -4.29 25.65
C SER B 344 -5.17 -2.97 26.31
N PHE B 345 -5.04 -1.85 25.59
CA PHE B 345 -5.50 -0.56 26.09
C PHE B 345 -6.88 -0.19 25.57
N GLY B 346 -7.50 -1.02 24.76
CA GLY B 346 -8.86 -0.77 24.30
C GLY B 346 -9.03 0.49 23.47
N ALA B 347 -8.10 0.74 22.54
CA ALA B 347 -8.07 1.97 21.77
C ALA B 347 -8.26 1.74 20.27
N GLU B 348 -9.19 0.86 19.89
CA GLU B 348 -9.43 0.62 18.47
C GLU B 348 -10.20 1.78 17.83
N GLU B 349 -11.21 2.31 18.54
CA GLU B 349 -12.01 3.39 17.99
C GLU B 349 -11.18 4.65 17.79
N HIS B 350 -10.18 4.87 18.65
CA HIS B 350 -9.28 6.01 18.49
C HIS B 350 -8.50 5.91 17.18
N GLU B 351 -8.00 4.71 16.88
CA GLU B 351 -7.29 4.50 15.62
C GLU B 351 -8.23 4.67 14.43
N VAL B 352 -9.47 4.18 14.56
CA VAL B 352 -10.44 4.36 13.48
C VAL B 352 -10.69 5.84 13.22
N CYS B 353 -10.83 6.63 14.29
CA CYS B 353 -11.05 8.06 14.13
C CYS B 353 -9.86 8.74 13.46
N ARG B 354 -8.64 8.36 13.85
CA ARG B 354 -7.45 8.93 13.21
C ARG B 354 -7.43 8.62 11.71
N TYR B 355 -7.72 7.37 11.35
CA TYR B 355 -7.76 7.00 9.94
C TYR B 355 -8.83 7.77 9.19
N LYS B 356 -9.99 7.97 9.82
CA LYS B 356 -11.06 8.70 9.15
C LYS B 356 -10.70 10.16 8.93
N GLU B 357 -9.98 10.77 9.88
CA GLU B 357 -9.51 12.14 9.67
C GLU B 357 -8.56 12.23 8.49
N ALA B 358 -7.62 11.27 8.41
CA ALA B 358 -6.71 11.26 7.27
C ALA B 358 -7.47 11.08 5.95
N LEU B 359 -8.47 10.20 5.93
CA LEU B 359 -9.28 10.00 4.74
C LEU B 359 -10.03 11.27 4.36
N GLU B 360 -10.51 12.02 5.35
CA GLU B 360 -11.20 13.29 5.06
C GLU B 360 -10.26 14.27 4.39
N GLN B 361 -9.01 14.37 4.87
CA GLN B 361 -8.05 15.25 4.21
C GLN B 361 -7.82 14.82 2.76
N CYS B 362 -7.65 13.51 2.53
CA CYS B 362 -7.46 13.03 1.17
C CYS B 362 -8.66 13.37 0.28
N ARG B 363 -9.87 13.21 0.81
CA ARG B 363 -11.08 13.50 0.04
C ARG B 363 -11.14 14.97 -0.34
N GLN B 364 -10.78 15.86 0.59
CA GLN B 364 -10.79 17.29 0.26
C GLN B 364 -9.82 17.59 -0.87
N LEU B 365 -8.61 17.01 -0.82
CA LEU B 365 -7.66 17.25 -1.91
C LEU B 365 -8.18 16.73 -3.25
N TYR B 366 -8.80 15.54 -3.23
CA TYR B 366 -9.37 14.99 -4.46
C TYR B 366 -10.44 15.92 -5.04
N TRP B 367 -11.33 16.43 -4.18
CA TRP B 367 -12.37 17.32 -4.65
C TRP B 367 -11.81 18.60 -5.25
N ARG B 368 -10.76 19.15 -4.63
CA ARG B 368 -10.13 20.35 -5.18
C ARG B 368 -9.60 20.08 -6.59
N ARG B 369 -8.91 18.95 -6.76
CA ARG B 369 -8.36 18.62 -8.08
C ARG B 369 -9.47 18.49 -9.12
N ASP B 370 -10.54 17.78 -8.78
CA ASP B 370 -11.62 17.57 -9.74
C ASP B 370 -12.30 18.88 -10.11
N LEU B 371 -12.55 19.75 -9.13
CA LEU B 371 -13.20 21.03 -9.42
C LEU B 371 -12.34 21.89 -10.34
N GLU B 372 -11.03 21.93 -10.08
CA GLU B 372 -10.15 22.73 -10.94
C GLU B 372 -10.15 22.18 -12.36
N ARG B 373 -10.13 20.86 -12.53
CA ARG B 373 -10.17 20.30 -13.87
C ARG B 373 -11.47 20.68 -14.60
N ALA B 374 -12.60 20.62 -13.88
CA ALA B 374 -13.87 20.99 -14.51
C ALA B 374 -13.87 22.44 -14.95
N LEU B 375 -13.36 23.35 -14.11
CA LEU B 375 -13.29 24.75 -14.49
C LEU B 375 -12.42 24.96 -15.72
N TYR B 376 -11.28 24.26 -15.78
CA TYR B 376 -10.40 24.38 -16.93
C TYR B 376 -11.10 23.94 -18.22
N LEU B 377 -11.83 22.82 -18.15
CA LEU B 377 -12.56 22.36 -19.34
C LEU B 377 -13.62 23.37 -19.78
N LEU B 378 -14.33 23.95 -18.82
CA LEU B 378 -15.35 24.95 -19.17
C LEU B 378 -14.73 26.15 -19.87
N VAL B 379 -13.60 26.64 -19.34
CA VAL B 379 -12.93 27.78 -19.98
C VAL B 379 -12.48 27.44 -21.39
N ARG B 380 -11.97 26.22 -21.57
CA ARG B 380 -11.58 25.79 -22.91
C ARG B 380 -12.76 25.81 -23.88
N ARG B 381 -13.92 25.30 -23.44
CA ARG B 381 -15.08 25.31 -24.33
C ARG B 381 -15.49 26.73 -24.69
N VAL B 382 -15.46 27.64 -23.72
CA VAL B 382 -15.82 29.03 -24.01
C VAL B 382 -14.87 29.64 -25.03
N LEU B 383 -13.57 29.41 -24.88
CA LEU B 383 -12.60 29.95 -25.84
C LEU B 383 -12.82 29.37 -27.23
N HIS B 384 -13.10 28.06 -27.30
CA HIS B 384 -13.36 27.44 -28.61
C HIS B 384 -14.58 28.05 -29.28
N LEU B 385 -15.64 28.30 -28.51
CA LEU B 385 -16.84 28.93 -29.07
C LEU B 385 -16.53 30.33 -29.59
N GLY B 386 -15.76 31.11 -28.83
CA GLY B 386 -15.42 32.45 -29.29
C GLY B 386 -14.63 32.43 -30.59
N VAL B 387 -13.63 31.55 -30.68
CA VAL B 387 -12.84 31.45 -31.89
C VAL B 387 -13.72 31.02 -33.07
N GLN B 388 -14.65 30.09 -32.82
CA GLN B 388 -15.55 29.66 -33.88
C GLN B 388 -16.40 30.81 -34.39
N MET B 389 -16.93 31.64 -33.48
CA MET B 389 -17.74 32.78 -33.91
C MET B 389 -16.91 33.78 -34.72
N LEU B 390 -15.68 34.05 -34.29
CA LEU B 390 -14.83 34.96 -35.05
C LEU B 390 -14.56 34.61 -36.51
N MET B 391 -14.21 33.35 -36.78
CA MET B 391 -14.05 32.90 -38.17
C MET B 391 -15.35 32.75 -38.99
N LEU B 392 -16.45 32.53 -38.28
CA LEU B 392 -17.74 32.43 -38.94
C LEU B 392 -17.96 33.84 -39.48
N SER B 393 -17.71 34.85 -38.63
CA SER B 393 -17.86 36.22 -39.08
C SER B 393 -16.90 36.55 -40.21
N CYS B 394 -15.62 36.17 -40.04
CA CYS B 394 -14.63 36.47 -41.07
C CYS B 394 -14.95 35.76 -42.38
N GLY B 395 -15.35 34.48 -42.30
CA GLY B 395 -15.66 33.74 -43.51
C GLY B 395 -16.89 34.28 -44.22
N LEU B 396 -17.91 34.69 -43.46
CA LEU B 396 -19.08 35.31 -44.08
C LEU B 396 -18.70 36.63 -44.74
N GLN B 397 -17.79 37.39 -44.11
CA GLN B 397 -17.32 38.63 -44.74
C GLN B 397 -16.59 38.35 -46.05
N GLN B 398 -15.77 37.29 -46.08
CA GLN B 398 -15.05 36.95 -47.31
C GLN B 398 -16.00 36.52 -48.42
N MET B 399 -17.05 35.76 -48.07
CA MET B 399 -17.95 35.23 -49.09
C MET B 399 -18.69 36.36 -49.82
N GLN B 400 -19.10 37.39 -49.08
CA GLN B 400 -19.80 38.51 -49.71
C GLN B 400 -18.91 39.28 -50.67
N ASP B 401 -17.59 39.19 -50.49
CA ASP B 401 -16.64 39.87 -51.36
C ASP B 401 -16.30 39.07 -52.61
N GLY B 402 -16.87 37.89 -52.78
CA GLY B 402 -16.58 37.07 -53.94
C GLY B 402 -15.33 36.22 -53.85
N GLU B 403 -14.75 36.09 -52.66
CA GLU B 403 -13.53 35.30 -52.51
C GLU B 403 -13.81 33.82 -52.71
N LEU B 404 -14.96 33.34 -52.24
CA LEU B 404 -15.30 31.93 -52.34
C LEU B 404 -16.82 31.77 -52.39
N THR B 405 -17.25 30.61 -52.88
CA THR B 405 -18.67 30.32 -52.99
C THR B 405 -19.24 29.87 -51.65
N GLN B 406 -20.57 29.73 -51.61
CA GLN B 406 -21.23 29.27 -50.40
C GLN B 406 -20.85 27.84 -50.06
N GLY B 407 -20.65 26.99 -51.08
CA GLY B 407 -20.26 25.62 -50.82
C GLY B 407 -18.90 25.50 -50.17
N SER B 408 -17.92 26.29 -50.65
CA SER B 408 -16.60 26.25 -50.07
C SER B 408 -16.61 26.75 -48.62
N LEU B 409 -17.37 27.81 -48.35
CA LEU B 409 -17.44 28.35 -46.99
C LEU B 409 -18.08 27.34 -46.04
N LEU B 410 -19.15 26.68 -46.48
CA LEU B 410 -19.83 25.72 -45.60
C LEU B 410 -18.95 24.53 -45.28
N SER B 411 -18.21 24.02 -46.27
CA SER B 411 -17.31 22.90 -46.02
C SER B 411 -16.13 23.32 -45.15
N PHE B 412 -15.81 24.62 -45.12
CA PHE B 412 -14.69 25.09 -44.31
C PHE B 412 -14.98 25.00 -42.82
N MET B 413 -16.25 25.16 -42.43
CA MET B 413 -16.57 25.26 -41.01
C MET B 413 -16.46 23.93 -40.29
N ILE B 414 -16.81 22.82 -40.96
CA ILE B 414 -16.70 21.51 -40.34
C ILE B 414 -15.24 21.20 -40.01
N TYR B 415 -14.33 21.50 -40.95
CA TYR B 415 -12.92 21.28 -40.71
C TYR B 415 -12.42 22.16 -39.58
N GLN B 416 -13.01 23.43 -39.57
CA GLN B 416 -12.66 24.38 -38.48
C GLN B 416 -13.05 23.75 -37.13
N GLU B 417 -14.22 23.24 -36.99
CA GLU B 417 -14.75 22.71 -35.75
C GLU B 417 -13.96 21.48 -35.29
N SER B 418 -13.60 20.60 -36.24
CA SER B 418 -12.80 19.45 -35.86
C SER B 418 -11.38 19.85 -35.45
N VAL B 419 -10.77 20.78 -36.18
CA VAL B 419 -9.36 21.13 -35.97
C VAL B 419 -9.19 21.77 -34.60
N GLY B 420 -10.09 22.67 -34.22
CA GLY B 420 -9.97 23.31 -32.92
C GLY B 420 -9.99 22.30 -31.77
N SER B 421 -10.95 21.38 -31.82
CA SER B 421 -11.05 20.36 -30.78
C SER B 421 -9.83 19.46 -30.77
N TYR B 422 -9.32 19.07 -31.94
CA TYR B 422 -8.16 18.20 -31.99
C TYR B 422 -6.92 18.89 -31.41
N VAL B 423 -6.73 20.17 -31.74
CA VAL B 423 -5.59 20.90 -31.19
C VAL B 423 -5.71 21.02 -29.67
N GLN B 424 -6.91 21.33 -29.19
CA GLN B 424 -7.11 21.44 -27.74
C GLN B 424 -6.82 20.11 -27.05
N THR B 425 -7.29 19.00 -27.62
CA THR B 425 -7.02 17.69 -27.04
C THR B 425 -5.53 17.39 -27.02
N LEU B 426 -4.83 17.71 -28.10
CA LEU B 426 -3.38 17.50 -28.15
C LEU B 426 -2.68 18.23 -27.02
N VAL B 427 -2.97 19.52 -26.87
CA VAL B 427 -2.30 20.31 -25.85
C VAL B 427 -2.66 19.80 -24.44
N TYR B 428 -3.93 19.43 -24.24
CA TYR B 428 -4.35 18.93 -22.94
C TYR B 428 -3.62 17.64 -22.58
N ILE B 429 -3.49 16.72 -23.54
CA ILE B 429 -2.81 15.47 -23.27
C ILE B 429 -1.33 15.72 -22.97
N TYR B 430 -0.70 16.63 -23.72
CA TYR B 430 0.70 16.93 -23.46
C TYR B 430 0.90 17.49 -22.06
N GLY B 431 0.03 18.44 -21.66
CA GLY B 431 0.13 18.99 -20.32
C GLY B 431 -0.11 17.96 -19.24
N ASP B 432 -1.08 17.07 -19.47
CA ASP B 432 -1.37 16.02 -18.49
C ASP B 432 -0.18 15.10 -18.32
N MET B 433 0.47 14.72 -19.43
CA MET B 433 1.66 13.87 -19.35
C MET B 433 2.76 14.57 -18.55
N LEU B 434 3.00 15.84 -18.84
CA LEU B 434 4.06 16.56 -18.12
C LEU B 434 3.75 16.63 -16.63
N SER B 435 2.50 16.96 -16.28
CA SER B 435 2.14 17.08 -14.87
C SER B 435 2.23 15.75 -14.14
N ASN B 436 1.75 14.68 -14.77
CA ASN B 436 1.81 13.36 -14.13
C ASN B 436 3.24 12.91 -13.92
N VAL B 437 4.12 13.17 -14.89
CA VAL B 437 5.52 12.83 -14.72
C VAL B 437 6.14 13.64 -13.59
N GLY B 438 5.85 14.96 -13.55
CA GLY B 438 6.46 15.81 -12.53
C GLY B 438 5.92 15.58 -11.13
N ALA B 439 4.74 14.96 -11.01
CA ALA B 439 4.13 14.78 -9.70
C ALA B 439 4.81 13.72 -8.85
N ALA B 440 5.76 12.97 -9.39
CA ALA B 440 6.39 11.84 -8.70
C ALA B 440 7.88 12.04 -8.48
N GLU B 441 8.27 13.24 -8.03
CA GLU B 441 9.69 13.53 -7.85
C GLU B 441 10.27 12.82 -6.62
N LYS B 442 9.42 12.38 -5.68
CA LYS B 442 9.92 11.73 -4.48
C LYS B 442 10.61 10.42 -4.85
N VAL B 443 10.00 9.65 -5.76
CA VAL B 443 10.59 8.38 -6.17
C VAL B 443 11.92 8.61 -6.85
N PHE B 444 11.99 9.61 -7.73
CA PHE B 444 13.24 9.93 -8.40
C PHE B 444 14.31 10.37 -7.40
N SER B 445 13.93 11.19 -6.42
CA SER B 445 14.90 11.63 -5.43
C SER B 445 15.42 10.47 -4.59
N TYR B 446 14.54 9.53 -4.22
CA TYR B 446 14.98 8.35 -3.48
C TYR B 446 15.88 7.47 -4.33
N MET B 447 15.58 7.33 -5.62
CA MET B 447 16.32 6.42 -6.48
C MET B 447 17.72 6.91 -6.81
N ASP B 448 18.05 8.16 -6.51
CA ASP B 448 19.39 8.69 -6.78
C ASP B 448 20.09 9.27 -5.56
N ARG B 449 19.51 9.18 -4.37
CA ARG B 449 20.14 9.74 -3.19
C ARG B 449 21.41 8.98 -2.84
N GLN B 450 22.45 9.72 -2.50
CA GLN B 450 23.72 9.10 -2.09
C GLN B 450 23.73 8.91 -0.57
N PRO B 451 23.91 7.70 -0.08
CA PRO B 451 23.93 7.48 1.37
C PRO B 451 25.14 8.14 2.02
N ASN B 452 24.95 8.54 3.28
CA ASN B 452 26.00 9.18 4.06
C ASN B 452 26.90 8.12 4.72
N LEU B 453 27.62 7.40 3.87
CA LEU B 453 28.52 6.34 4.29
C LEU B 453 29.85 6.48 3.58
N PRO B 454 30.94 5.98 4.19
CA PRO B 454 32.23 6.03 3.51
C PRO B 454 32.26 5.08 2.32
N SER B 455 33.30 5.26 1.50
CA SER B 455 33.44 4.43 0.31
C SER B 455 33.63 2.97 0.71
N PRO B 456 33.11 2.04 -0.09
CA PRO B 456 33.19 0.62 0.28
C PRO B 456 34.63 0.15 0.41
N GLY B 457 34.89 -0.75 1.37
CA GLY B 457 36.26 -1.22 1.62
C GLY B 457 36.56 -2.58 0.99
N THR B 458 37.79 -2.78 0.51
CA THR B 458 38.17 -4.05 -0.17
C THR B 458 38.92 -5.06 0.72
N LEU B 459 39.15 -4.77 2.00
CA LEU B 459 40.01 -5.66 2.84
C LEU B 459 39.34 -7.02 3.11
N ALA B 460 40.08 -8.14 2.94
CA ALA B 460 39.54 -9.44 3.30
C ALA B 460 40.69 -10.39 3.58
N PRO B 461 41.38 -10.20 4.71
CA PRO B 461 42.53 -11.06 5.02
C PRO B 461 42.12 -12.52 5.18
N THR B 462 43.02 -13.41 4.76
CA THR B 462 42.77 -14.83 4.94
C THR B 462 42.83 -15.24 6.41
N THR B 463 43.56 -14.48 7.23
CA THR B 463 43.63 -14.74 8.66
C THR B 463 43.43 -13.43 9.41
N LEU B 464 42.80 -13.53 10.58
CA LEU B 464 42.47 -12.35 11.37
C LEU B 464 42.73 -12.65 12.85
N GLN B 465 43.37 -11.71 13.54
CA GLN B 465 43.70 -11.92 14.95
C GLN B 465 42.51 -11.58 15.85
N GLY B 466 41.91 -10.41 15.66
CA GLY B 466 40.78 -10.01 16.47
C GLY B 466 41.09 -9.00 17.55
N VAL B 467 42.00 -8.06 17.31
CA VAL B 467 42.31 -7.02 18.28
C VAL B 467 41.54 -5.76 17.90
N VAL B 468 40.76 -5.25 18.85
CA VAL B 468 39.91 -4.09 18.64
C VAL B 468 40.42 -2.94 19.52
N LYS B 469 40.57 -1.77 18.92
CA LYS B 469 41.09 -0.60 19.62
C LYS B 469 40.17 0.60 19.40
N PHE B 470 39.78 1.24 20.48
CA PHE B 470 39.14 2.55 20.44
C PHE B 470 40.18 3.60 20.76
N GLN B 471 40.24 4.66 19.95
CA GLN B 471 41.26 5.69 20.08
C GLN B 471 40.59 7.05 20.13
N ASP B 472 40.29 7.53 21.34
CA ASP B 472 39.69 8.84 21.56
C ASP B 472 38.41 9.01 20.74
N VAL B 473 37.49 8.07 20.91
CA VAL B 473 36.28 8.03 20.09
C VAL B 473 35.19 8.84 20.75
N SER B 474 34.61 9.77 20.00
CA SER B 474 33.45 10.54 20.42
C SER B 474 32.40 10.49 19.33
N PHE B 475 31.13 10.44 19.74
CA PHE B 475 30.05 10.21 18.79
C PHE B 475 28.81 10.97 19.20
N ALA B 476 28.08 11.49 18.20
CA ALA B 476 26.77 12.07 18.38
C ALA B 476 25.89 11.62 17.24
N TYR B 477 24.64 11.26 17.55
CA TYR B 477 23.76 10.70 16.54
C TYR B 477 23.45 11.74 15.47
N PRO B 478 23.50 11.37 14.18
CA PRO B 478 23.30 12.36 13.11
C PRO B 478 21.95 13.04 13.14
N ASN B 479 20.88 12.35 13.54
CA ASN B 479 19.57 12.98 13.59
C ASN B 479 19.45 13.99 14.72
N ARG B 480 20.37 14.00 15.68
CA ARG B 480 20.35 14.97 16.76
C ARG B 480 21.76 15.33 17.19
N PRO B 481 22.51 16.06 16.37
CA PRO B 481 23.86 16.48 16.77
C PRO B 481 23.79 17.53 17.88
N ASP B 482 24.97 18.01 18.28
CA ASP B 482 25.12 18.94 19.39
C ASP B 482 24.59 18.34 20.69
N ARG B 483 24.58 17.00 20.77
CA ARG B 483 24.19 16.29 21.98
C ARG B 483 25.06 15.04 22.09
N PRO B 484 26.29 15.20 22.58
CA PRO B 484 27.25 14.07 22.55
C PRO B 484 26.78 12.91 23.40
N VAL B 485 27.08 11.70 22.91
CA VAL B 485 26.76 10.48 23.65
C VAL B 485 28.02 9.85 24.23
N LEU B 486 29.07 9.73 23.41
CA LEU B 486 30.36 9.20 23.85
C LEU B 486 31.39 10.32 23.77
N LYS B 487 32.30 10.35 24.75
CA LYS B 487 33.28 11.45 24.87
C LYS B 487 34.67 10.86 25.19
N GLY B 488 35.46 10.67 24.14
CA GLY B 488 36.85 10.29 24.30
C GLY B 488 37.11 8.92 24.90
N LEU B 489 36.39 7.90 24.45
CA LEU B 489 36.64 6.54 24.93
C LEU B 489 37.93 5.98 24.35
N THR B 490 38.65 5.21 25.16
CA THR B 490 39.88 4.58 24.71
C THR B 490 40.05 3.28 25.47
N PHE B 491 40.02 2.15 24.75
CA PHE B 491 40.23 0.84 25.36
C PHE B 491 40.64 -0.14 24.27
N THR B 492 41.08 -1.31 24.71
CA THR B 492 41.56 -2.36 23.81
C THR B 492 40.95 -3.69 24.19
N LEU B 493 40.51 -4.44 23.19
CA LEU B 493 40.00 -5.79 23.36
C LEU B 493 40.95 -6.78 22.72
N ARG B 494 41.26 -7.87 23.42
CA ARG B 494 42.26 -8.81 22.95
C ARG B 494 41.67 -10.21 22.84
N PRO B 495 42.15 -11.03 21.91
CA PRO B 495 41.64 -12.39 21.78
C PRO B 495 41.99 -13.24 23.01
N GLY B 496 41.12 -14.18 23.31
CA GLY B 496 41.32 -15.04 24.47
C GLY B 496 40.92 -14.44 25.79
N GLU B 497 40.30 -13.26 25.79
CA GLU B 497 39.89 -12.59 27.01
C GLU B 497 38.44 -12.12 26.88
N VAL B 498 37.80 -11.97 28.03
CA VAL B 498 36.42 -11.50 28.11
C VAL B 498 36.40 -10.13 28.77
N THR B 499 35.77 -9.16 28.12
CA THR B 499 35.67 -7.81 28.63
C THR B 499 34.21 -7.49 28.93
N ALA B 500 33.96 -6.87 30.08
CA ALA B 500 32.62 -6.50 30.52
C ALA B 500 32.46 -5.00 30.49
N LEU B 501 31.37 -4.53 29.90
CA LEU B 501 31.03 -3.12 29.84
C LEU B 501 29.74 -2.90 30.61
N VAL B 502 29.79 -2.07 31.65
CA VAL B 502 28.64 -1.86 32.53
C VAL B 502 28.37 -0.37 32.65
N GLY B 503 27.15 -0.04 33.05
CA GLY B 503 26.74 1.33 33.23
C GLY B 503 25.23 1.46 33.43
N PRO B 504 24.78 2.65 33.79
CA PRO B 504 23.34 2.87 33.97
C PRO B 504 22.61 2.90 32.63
N ASN B 505 21.30 3.09 32.71
CA ASN B 505 20.50 3.22 31.50
C ASN B 505 20.82 4.53 30.78
N GLY B 506 20.94 4.45 29.47
CA GLY B 506 21.30 5.61 28.68
C GLY B 506 22.77 5.98 28.72
N SER B 507 23.63 5.14 29.30
CA SER B 507 25.05 5.45 29.37
C SER B 507 25.70 5.47 28.00
N GLY B 508 25.28 4.58 27.10
CA GLY B 508 25.83 4.54 25.76
C GLY B 508 26.51 3.24 25.40
N LYS B 509 26.09 2.14 26.04
CA LYS B 509 26.70 0.84 25.76
C LYS B 509 26.27 0.30 24.39
N SER B 510 24.98 0.39 24.09
CA SER B 510 24.51 -0.04 22.77
C SER B 510 25.09 0.83 21.67
N THR B 511 25.37 2.10 21.94
CA THR B 511 26.05 2.94 20.96
C THR B 511 27.46 2.44 20.70
N VAL B 512 28.16 2.00 21.73
CA VAL B 512 29.49 1.42 21.55
C VAL B 512 29.40 0.15 20.71
N ALA B 513 28.41 -0.70 21.00
CA ALA B 513 28.24 -1.91 20.21
C ALA B 513 27.95 -1.59 18.75
N ALA B 514 27.11 -0.58 18.50
CA ALA B 514 26.81 -0.18 17.12
C ALA B 514 28.05 0.35 16.42
N LEU B 515 28.86 1.15 17.11
CA LEU B 515 30.08 1.67 16.49
C LEU B 515 31.07 0.55 16.19
N LEU B 516 31.11 -0.47 17.04
CA LEU B 516 32.05 -1.57 16.81
C LEU B 516 31.68 -2.35 15.55
N GLN B 517 30.39 -2.43 15.23
CA GLN B 517 29.91 -3.17 14.06
C GLN B 517 29.91 -2.33 12.79
N ASN B 518 30.44 -1.11 12.83
CA ASN B 518 30.48 -0.21 11.67
C ASN B 518 29.07 0.14 11.19
N LEU B 519 28.13 0.30 12.12
CA LEU B 519 26.81 0.79 11.75
C LEU B 519 26.75 2.31 11.77
N TYR B 520 27.65 2.95 12.49
CA TYR B 520 27.76 4.40 12.52
C TYR B 520 29.22 4.80 12.51
N GLN B 521 29.48 6.04 12.12
CA GLN B 521 30.85 6.52 12.09
C GLN B 521 31.11 7.48 13.25
N PRO B 522 32.23 7.34 13.95
CA PRO B 522 32.55 8.29 15.02
C PRO B 522 32.78 9.69 14.48
N THR B 523 32.35 10.68 15.26
CA THR B 523 32.63 12.07 14.90
C THR B 523 34.08 12.45 15.14
N GLY B 524 34.75 11.77 16.06
CA GLY B 524 36.17 11.98 16.28
C GLY B 524 36.82 10.70 16.73
N GLY B 525 38.11 10.57 16.47
CA GLY B 525 38.83 9.37 16.81
C GLY B 525 38.70 8.29 15.75
N GLN B 526 39.23 7.12 16.08
CA GLN B 526 39.28 6.01 15.16
C GLN B 526 38.89 4.71 15.87
N VAL B 527 38.26 3.82 15.11
CA VAL B 527 38.00 2.45 15.54
C VAL B 527 38.80 1.52 14.64
N LEU B 528 39.63 0.69 15.23
CA LEU B 528 40.59 -0.12 14.48
C LEU B 528 40.36 -1.61 14.74
N LEU B 529 40.47 -2.40 13.68
CA LEU B 529 40.47 -3.85 13.77
C LEU B 529 41.75 -4.36 13.13
N ASP B 530 42.64 -4.93 13.94
CA ASP B 530 43.97 -5.35 13.52
C ASP B 530 44.74 -4.18 12.91
N GLU B 531 44.75 -3.06 13.65
CA GLU B 531 45.54 -1.87 13.32
C GLU B 531 45.12 -1.22 12.00
N LYS B 532 43.90 -1.46 11.55
CA LYS B 532 43.37 -0.82 10.36
C LYS B 532 41.94 -0.39 10.60
N PRO B 533 41.49 0.70 9.97
CA PRO B 533 40.14 1.19 10.23
C PRO B 533 39.08 0.16 9.90
N ILE B 534 38.02 0.14 10.72
CA ILE B 534 36.96 -0.85 10.57
C ILE B 534 36.21 -0.65 9.26
N SER B 535 36.18 0.58 8.75
CA SER B 535 35.44 0.88 7.53
C SER B 535 36.16 0.42 6.27
N GLN B 536 37.42 0.01 6.37
CA GLN B 536 38.19 -0.43 5.20
C GLN B 536 38.01 -1.90 4.87
N TYR B 537 37.27 -2.65 5.68
CA TYR B 537 37.05 -4.06 5.41
C TYR B 537 35.82 -4.26 4.53
N GLU B 538 35.86 -5.31 3.72
CA GLU B 538 34.75 -5.62 2.83
C GLU B 538 33.51 -5.98 3.65
N HIS B 539 32.35 -5.57 3.15
CA HIS B 539 31.13 -5.60 3.95
C HIS B 539 30.77 -7.01 4.40
N CYS B 540 30.68 -7.95 3.45
CA CYS B 540 30.30 -9.32 3.79
C CYS B 540 31.33 -9.98 4.68
N TYR B 541 32.62 -9.78 4.38
CA TYR B 541 33.68 -10.33 5.21
C TYR B 541 33.62 -9.74 6.62
N LEU B 542 33.44 -8.42 6.72
CA LEU B 542 33.42 -7.77 8.02
C LEU B 542 32.28 -8.28 8.88
N HIS B 543 31.09 -8.40 8.30
CA HIS B 543 29.98 -8.91 9.10
C HIS B 543 29.95 -10.42 9.20
N SER B 544 30.84 -11.12 8.49
CA SER B 544 31.05 -12.53 8.76
C SER B 544 32.01 -12.74 9.93
N GLN B 545 32.94 -11.81 10.14
CA GLN B 545 33.93 -11.97 11.20
C GLN B 545 33.52 -11.31 12.51
N VAL B 546 32.72 -10.24 12.46
CA VAL B 546 32.26 -9.54 13.66
C VAL B 546 30.74 -9.70 13.74
N VAL B 547 30.28 -10.39 14.78
CA VAL B 547 28.87 -10.75 14.92
C VAL B 547 28.41 -10.31 16.31
N SER B 548 27.12 -9.98 16.41
CA SER B 548 26.56 -9.46 17.66
C SER B 548 25.18 -10.05 17.90
N VAL B 549 24.74 -9.95 19.15
CA VAL B 549 23.37 -10.28 19.54
C VAL B 549 22.72 -9.00 20.05
N GLY B 550 21.61 -8.61 19.44
CA GLY B 550 20.98 -7.35 19.79
C GLY B 550 20.33 -7.38 21.16
N GLN B 551 20.03 -6.19 21.66
CA GLN B 551 19.44 -6.07 22.99
C GLN B 551 18.06 -6.72 23.04
N GLU B 552 17.22 -6.47 22.04
CA GLU B 552 15.93 -7.13 21.90
C GLU B 552 15.93 -7.77 20.52
N PRO B 553 16.24 -9.06 20.43
CA PRO B 553 16.48 -9.68 19.12
C PRO B 553 15.27 -9.59 18.21
N VAL B 554 15.54 -9.39 16.92
CA VAL B 554 14.50 -9.28 15.90
C VAL B 554 14.60 -10.50 15.00
N LEU B 555 13.52 -11.26 14.92
CA LEU B 555 13.44 -12.41 14.04
C LEU B 555 12.57 -12.07 12.83
N PHE B 556 12.63 -12.95 11.82
CA PHE B 556 11.90 -12.75 10.58
C PHE B 556 10.95 -13.93 10.34
N SER B 557 9.90 -13.66 9.58
CA SER B 557 8.93 -14.70 9.26
C SER B 557 9.58 -15.78 8.41
N GLY B 558 9.40 -17.03 8.80
CA GLY B 558 10.02 -18.13 8.10
C GLY B 558 10.28 -19.27 9.07
N SER B 559 11.04 -20.25 8.57
CA SER B 559 11.36 -21.42 9.38
C SER B 559 12.45 -21.10 10.40
N VAL B 560 12.61 -22.00 11.36
CA VAL B 560 13.64 -21.84 12.37
C VAL B 560 15.03 -21.91 11.75
N ARG B 561 15.23 -22.86 10.84
CA ARG B 561 16.55 -23.01 10.22
C ARG B 561 16.86 -21.91 9.21
N ASN B 562 15.88 -21.09 8.85
CA ASN B 562 16.15 -19.89 8.06
C ASN B 562 16.53 -18.69 8.91
N ASN B 563 15.93 -18.55 10.09
CA ASN B 563 16.35 -17.51 11.02
C ASN B 563 17.75 -17.81 11.56
N ILE B 564 17.96 -19.04 12.01
CA ILE B 564 19.33 -19.52 12.17
C ILE B 564 19.97 -19.56 10.78
N ALA B 565 21.27 -19.26 10.72
CA ALA B 565 21.99 -19.13 9.46
C ALA B 565 21.37 -18.08 8.55
N TYR B 566 20.80 -17.03 9.14
CA TYR B 566 20.28 -15.91 8.37
C TYR B 566 21.43 -15.16 7.69
N GLY B 567 21.27 -14.88 6.40
CA GLY B 567 22.28 -14.17 5.66
C GLY B 567 23.42 -15.01 5.14
N LEU B 568 23.37 -16.33 5.32
CA LEU B 568 24.40 -17.24 4.82
C LEU B 568 23.90 -17.83 3.51
N GLN B 569 24.77 -17.83 2.49
CA GLN B 569 24.38 -18.36 1.19
C GLN B 569 24.15 -19.86 1.24
N SER B 570 24.99 -20.58 2.00
CA SER B 570 24.84 -22.02 2.15
C SER B 570 25.26 -22.43 3.56
N CYS B 571 24.51 -23.36 4.14
CA CYS B 571 24.82 -23.85 5.48
C CYS B 571 24.26 -25.26 5.61
N GLU B 572 25.10 -26.20 6.00
CA GLU B 572 24.67 -27.59 6.14
C GLU B 572 23.80 -27.77 7.38
N ASP B 573 23.03 -28.85 7.40
CA ASP B 573 22.11 -29.09 8.50
C ASP B 573 22.85 -29.42 9.79
N ASP B 574 23.99 -30.11 9.70
CA ASP B 574 24.75 -30.44 10.89
C ASP B 574 25.30 -29.20 11.60
N LYS B 575 25.75 -28.20 10.84
CA LYS B 575 26.17 -26.95 11.46
C LYS B 575 25.03 -26.26 12.19
N VAL B 576 23.84 -26.26 11.58
CA VAL B 576 22.67 -25.65 12.22
C VAL B 576 22.34 -26.39 13.52
N MET B 577 22.36 -27.72 13.49
CA MET B 577 22.07 -28.50 14.68
C MET B 577 23.11 -28.28 15.77
N ALA B 578 24.40 -28.22 15.40
CA ALA B 578 25.44 -27.98 16.38
C ALA B 578 25.29 -26.61 17.01
N ALA B 579 24.99 -25.59 16.21
CA ALA B 579 24.79 -24.25 16.75
C ALA B 579 23.57 -24.19 17.67
N ALA B 580 22.49 -24.89 17.29
CA ALA B 580 21.31 -24.94 18.16
C ALA B 580 21.61 -25.66 19.46
N GLN B 581 22.44 -26.70 19.43
CA GLN B 581 22.84 -27.37 20.66
C GLN B 581 23.70 -26.47 21.53
N ALA B 582 24.59 -25.69 20.92
CA ALA B 582 25.44 -24.80 21.69
C ALA B 582 24.64 -23.71 22.39
N ALA B 583 23.50 -23.33 21.82
CA ALA B 583 22.64 -22.30 22.41
C ALA B 583 21.54 -22.87 23.29
N HIS B 584 21.52 -24.18 23.52
CA HIS B 584 20.51 -24.84 24.35
C HIS B 584 19.11 -24.65 23.77
N ALA B 585 19.02 -24.47 22.46
CA ALA B 585 17.73 -24.28 21.80
C ALA B 585 17.17 -25.56 21.21
N ASP B 586 17.95 -26.64 21.17
CA ASP B 586 17.50 -27.87 20.53
C ASP B 586 16.40 -28.56 21.33
N ASP B 587 16.36 -28.35 22.64
CA ASP B 587 15.36 -29.03 23.47
C ASP B 587 13.95 -28.60 23.11
N PHE B 588 13.73 -27.30 22.94
CA PHE B 588 12.37 -26.83 22.63
C PHE B 588 12.07 -26.93 21.13
N ILE B 589 13.08 -27.10 20.29
CA ILE B 589 12.83 -27.23 18.85
C ILE B 589 12.16 -28.57 18.55
N GLN B 590 12.60 -29.63 19.23
CA GLN B 590 12.01 -30.95 19.00
C GLN B 590 10.54 -30.98 19.39
N GLU B 591 10.13 -30.15 20.35
CA GLU B 591 8.74 -30.14 20.78
C GLU B 591 7.81 -29.54 19.73
N MET B 592 8.34 -28.73 18.82
CA MET B 592 7.52 -28.15 17.77
C MET B 592 7.13 -29.20 16.74
N GLU B 593 6.04 -28.94 16.02
CA GLU B 593 5.45 -29.95 15.17
C GLU B 593 6.29 -30.28 13.93
N HIS B 594 7.10 -29.34 13.45
CA HIS B 594 7.90 -29.56 12.25
C HIS B 594 9.40 -29.46 12.50
N GLY B 595 9.83 -29.45 13.76
CA GLY B 595 11.26 -29.35 14.03
C GLY B 595 11.81 -28.01 13.60
N ILE B 596 13.02 -28.03 13.03
CA ILE B 596 13.67 -26.80 12.59
C ILE B 596 12.99 -26.17 11.39
N TYR B 597 12.02 -26.85 10.78
CA TYR B 597 11.26 -26.30 9.67
C TYR B 597 9.96 -25.66 10.12
N THR B 598 9.70 -25.61 11.42
CA THR B 598 8.48 -24.97 11.92
C THR B 598 8.54 -23.47 11.65
N ASP B 599 7.40 -22.92 11.27
CA ASP B 599 7.34 -21.52 10.89
C ASP B 599 7.37 -20.62 12.12
N VAL B 600 8.41 -19.80 12.23
CA VAL B 600 8.44 -18.74 13.22
C VAL B 600 7.58 -17.58 12.73
N GLY B 601 6.70 -17.08 13.59
CA GLY B 601 5.78 -16.03 13.20
C GLY B 601 6.50 -14.74 12.86
N GLU B 602 5.71 -13.76 12.42
CA GLU B 602 6.23 -12.45 12.11
C GLU B 602 6.86 -11.82 13.36
N LYS B 603 8.10 -11.37 13.22
CA LYS B 603 8.89 -10.81 14.33
C LYS B 603 9.10 -11.82 15.45
N GLY B 604 8.96 -13.12 15.16
CA GLY B 604 9.07 -14.14 16.17
C GLY B 604 7.94 -14.17 17.17
N SER B 605 6.74 -13.72 16.79
CA SER B 605 5.64 -13.55 17.73
C SER B 605 5.05 -14.86 18.22
N GLN B 606 5.40 -15.99 17.61
CA GLN B 606 4.86 -17.29 18.00
C GLN B 606 5.80 -18.07 18.91
N LEU B 607 6.71 -17.38 19.59
CA LEU B 607 7.66 -18.01 20.49
C LEU B 607 7.69 -17.28 21.82
N ALA B 608 8.16 -17.97 22.85
CA ALA B 608 8.47 -17.32 24.11
C ALA B 608 9.70 -16.43 23.94
N ALA B 609 9.85 -15.48 24.86
CA ALA B 609 10.97 -14.54 24.76
C ALA B 609 12.31 -15.25 24.92
N GLY B 610 12.41 -16.17 25.86
CA GLY B 610 13.65 -16.91 26.04
C GLY B 610 14.01 -17.76 24.83
N GLN B 611 13.01 -18.37 24.20
CA GLN B 611 13.26 -19.16 23.00
C GLN B 611 13.76 -18.28 21.86
N LYS B 612 13.18 -17.09 21.71
CA LYS B 612 13.64 -16.16 20.69
C LYS B 612 15.08 -15.72 20.95
N GLN B 613 15.40 -15.46 22.22
CA GLN B 613 16.78 -15.08 22.56
C GLN B 613 17.76 -16.22 22.29
N ARG B 614 17.36 -17.45 22.58
CA ARG B 614 18.21 -18.60 22.28
C ARG B 614 18.41 -18.75 20.78
N LEU B 615 17.37 -18.52 19.99
CA LEU B 615 17.52 -18.57 18.54
C LEU B 615 18.47 -17.49 18.04
N ALA B 616 18.39 -16.29 18.62
CA ALA B 616 19.34 -15.24 18.26
C ALA B 616 20.77 -15.62 18.61
N ILE B 617 20.96 -16.24 19.78
CA ILE B 617 22.30 -16.70 20.17
C ILE B 617 22.82 -17.74 19.18
N ALA B 618 21.96 -18.68 18.78
CA ALA B 618 22.36 -19.68 17.81
C ALA B 618 22.72 -19.05 16.47
N ARG B 619 21.92 -18.06 16.04
CA ARG B 619 22.21 -17.36 14.80
C ARG B 619 23.57 -16.69 14.86
N ALA B 620 23.92 -16.10 16.00
CA ALA B 620 25.26 -15.53 16.15
C ALA B 620 26.34 -16.60 16.12
N LEU B 621 26.08 -17.74 16.77
CA LEU B 621 27.14 -18.74 16.94
C LEU B 621 27.38 -19.57 15.69
N VAL B 622 26.45 -19.54 14.73
CA VAL B 622 26.63 -20.32 13.50
C VAL B 622 27.92 -19.97 12.78
N ARG B 623 28.23 -18.68 12.69
CA ARG B 623 29.34 -18.21 11.86
C ARG B 623 30.69 -18.28 12.56
N ASP B 624 30.77 -18.94 13.71
CA ASP B 624 31.92 -18.98 14.61
C ASP B 624 32.85 -17.75 14.49
N PRO B 625 32.36 -16.57 14.83
CA PRO B 625 33.10 -15.34 14.54
C PRO B 625 34.33 -15.18 15.41
N ARG B 626 35.25 -14.34 14.93
CA ARG B 626 36.44 -14.00 15.70
C ARG B 626 36.13 -13.02 16.82
N VAL B 627 35.21 -12.07 16.58
CA VAL B 627 34.82 -11.08 17.56
C VAL B 627 33.31 -11.26 17.82
N LEU B 628 32.95 -11.43 19.08
CA LEU B 628 31.57 -11.68 19.47
C LEU B 628 31.11 -10.60 20.45
N ILE B 629 29.94 -10.04 20.20
CA ILE B 629 29.37 -8.98 21.02
C ILE B 629 28.05 -9.48 21.60
N LEU B 630 27.88 -9.35 22.90
CA LEU B 630 26.69 -9.83 23.61
C LEU B 630 26.07 -8.66 24.35
N ASP B 631 25.06 -8.04 23.74
CA ASP B 631 24.36 -6.88 24.31
C ASP B 631 23.14 -7.37 25.06
N GLN B 632 23.28 -7.52 26.39
CA GLN B 632 22.15 -8.01 27.24
C GLN B 632 21.60 -9.28 26.62
N ALA B 633 22.45 -10.27 26.35
CA ALA B 633 22.02 -11.49 25.67
C ALA B 633 21.32 -12.48 26.61
N THR B 634 21.35 -12.26 27.92
CA THR B 634 20.76 -13.20 28.87
C THR B 634 19.65 -12.55 29.70
N SER B 635 19.03 -11.50 29.20
CA SER B 635 18.02 -10.78 29.99
C SER B 635 16.75 -11.61 30.18
N ALA B 636 16.32 -12.32 29.14
CA ALA B 636 15.07 -13.05 29.18
C ALA B 636 15.23 -14.51 29.61
N LEU B 637 16.45 -15.00 29.77
CA LEU B 637 16.67 -16.39 30.10
C LEU B 637 16.54 -16.63 31.61
N ASP B 638 16.11 -17.84 31.96
CA ASP B 638 16.06 -18.22 33.36
C ASP B 638 17.47 -18.46 33.88
N VAL B 639 17.59 -18.51 35.21
CA VAL B 639 18.90 -18.56 35.85
C VAL B 639 19.62 -19.86 35.49
N GLN B 640 18.88 -20.97 35.41
CA GLN B 640 19.50 -22.26 35.09
C GLN B 640 20.15 -22.24 33.72
N CYS B 641 19.47 -21.67 32.73
CA CYS B 641 20.06 -21.58 31.40
C CYS B 641 21.13 -20.49 31.34
N GLU B 642 20.95 -19.41 32.10
CA GLU B 642 21.93 -18.32 32.08
C GLU B 642 23.28 -18.77 32.62
N GLN B 643 23.28 -19.53 33.72
CA GLN B 643 24.54 -19.99 34.30
C GLN B 643 25.24 -21.04 33.45
N ALA B 644 24.49 -21.75 32.60
CA ALA B 644 25.10 -22.73 31.71
C ALA B 644 25.84 -22.08 30.55
N LEU B 645 25.44 -20.88 30.15
CA LEU B 645 26.01 -20.20 29.00
C LEU B 645 27.13 -19.24 29.41
N GLN B 646 27.54 -19.26 30.68
CA GLN B 646 28.55 -18.31 31.14
C GLN B 646 29.91 -18.50 30.48
N ASP B 647 30.18 -19.69 29.95
CA ASP B 647 31.46 -19.97 29.29
C ASP B 647 31.43 -19.58 27.81
N TRP B 648 31.61 -18.28 27.57
CA TRP B 648 31.58 -17.73 26.22
C TRP B 648 32.89 -17.92 25.47
N ASN B 649 33.98 -18.26 26.15
CA ASN B 649 35.29 -18.37 25.54
C ASN B 649 35.93 -19.71 25.90
N SER B 650 35.17 -20.79 25.71
CA SER B 650 35.68 -22.12 26.02
C SER B 650 36.89 -22.46 25.16
N ARG B 651 36.85 -22.12 23.87
CA ARG B 651 37.98 -22.39 22.99
C ARG B 651 39.14 -21.43 23.24
N GLY B 652 38.85 -20.21 23.67
CA GLY B 652 39.91 -19.26 23.96
C GLY B 652 40.58 -18.66 22.75
N ASP B 653 39.89 -18.61 21.61
CA ASP B 653 40.46 -18.07 20.37
C ASP B 653 39.65 -16.92 19.80
N ARG B 654 38.72 -16.35 20.58
CA ARG B 654 37.86 -15.28 20.09
C ARG B 654 37.79 -14.17 21.12
N THR B 655 37.44 -12.97 20.64
CA THR B 655 37.31 -11.78 21.46
C THR B 655 35.84 -11.59 21.82
N VAL B 656 35.53 -11.49 23.10
CA VAL B 656 34.17 -11.43 23.59
C VAL B 656 33.98 -10.12 24.38
N LEU B 657 32.91 -9.40 24.06
CA LEU B 657 32.51 -8.21 24.80
C LEU B 657 31.13 -8.47 25.38
N VAL B 658 30.98 -8.28 26.68
CA VAL B 658 29.73 -8.58 27.39
C VAL B 658 29.17 -7.29 27.96
N ILE B 659 27.94 -6.98 27.60
CA ILE B 659 27.20 -5.84 28.14
C ILE B 659 26.06 -6.40 28.98
N ALA B 660 26.02 -6.03 30.25
CA ALA B 660 25.04 -6.62 31.16
C ALA B 660 24.75 -5.68 32.32
N HIS B 661 23.62 -5.94 32.98
CA HIS B 661 23.27 -5.28 34.23
C HIS B 661 23.40 -6.19 35.44
N ARG B 662 23.29 -7.50 35.27
CA ARG B 662 23.46 -8.46 36.36
C ARG B 662 24.95 -8.66 36.60
N LEU B 663 25.44 -8.17 37.74
CA LEU B 663 26.86 -8.21 38.05
C LEU B 663 27.37 -9.62 38.29
N GLN B 664 26.48 -10.61 38.44
CA GLN B 664 26.94 -11.99 38.58
C GLN B 664 27.64 -12.46 37.32
N THR B 665 27.12 -12.11 36.15
CA THR B 665 27.73 -12.53 34.89
C THR B 665 29.01 -11.75 34.61
N VAL B 666 29.16 -10.56 35.19
CA VAL B 666 30.34 -9.74 34.94
C VAL B 666 31.48 -10.01 35.91
N GLN B 667 31.34 -11.01 36.78
CA GLN B 667 32.38 -11.29 37.76
C GLN B 667 33.58 -12.01 37.13
N ARG B 668 33.33 -12.85 36.13
CA ARG B 668 34.38 -13.68 35.53
C ARG B 668 35.14 -12.98 34.42
N ALA B 669 34.81 -11.74 34.09
CA ALA B 669 35.50 -11.04 33.03
C ALA B 669 36.92 -10.68 33.44
N HIS B 670 37.86 -10.84 32.50
CA HIS B 670 39.24 -10.45 32.76
C HIS B 670 39.36 -8.94 32.92
N GLN B 671 38.66 -8.18 32.09
CA GLN B 671 38.74 -6.73 32.10
C GLN B 671 37.33 -6.16 32.25
N ILE B 672 37.19 -5.14 33.10
CA ILE B 672 35.90 -4.52 33.37
C ILE B 672 36.00 -3.03 33.05
N LEU B 673 35.08 -2.54 32.24
CA LEU B 673 35.00 -1.13 31.87
C LEU B 673 33.71 -0.55 32.41
N VAL B 674 33.81 0.54 33.17
CA VAL B 674 32.66 1.22 33.73
C VAL B 674 32.41 2.49 32.93
N LEU B 675 31.19 2.64 32.42
CA LEU B 675 30.83 3.75 31.56
C LEU B 675 29.80 4.60 32.29
N GLN B 676 30.10 5.90 32.45
CA GLN B 676 29.22 6.83 33.16
C GLN B 676 29.11 8.11 32.37
N GLU B 677 27.90 8.42 31.91
CA GLU B 677 27.63 9.64 31.13
C GLU B 677 28.53 9.74 29.90
N GLY B 678 28.78 8.60 29.24
CA GLY B 678 29.57 8.58 28.03
C GLY B 678 31.06 8.67 28.23
N LYS B 679 31.56 8.53 29.46
CA LYS B 679 32.99 8.58 29.74
C LYS B 679 33.39 7.38 30.57
N LEU B 680 34.55 6.82 30.26
CA LEU B 680 35.13 5.77 31.08
C LEU B 680 35.69 6.35 32.37
N GLN B 681 35.75 5.51 33.40
CA GLN B 681 36.27 5.94 34.69
C GLN B 681 36.91 4.78 35.44
N SER C 1 -13.79 5.14 -57.40
CA SER C 1 -13.17 4.77 -56.13
C SER C 1 -11.99 5.68 -55.82
N GLU C 2 -12.09 6.44 -54.73
CA GLU C 2 -11.00 7.32 -54.32
C GLU C 2 -9.70 6.57 -54.02
N PRO C 3 -9.68 5.48 -53.25
CA PRO C 3 -8.43 4.80 -53.00
C PRO C 3 -7.90 4.11 -54.26
N PRO C 4 -6.60 4.17 -54.50
CA PRO C 4 -6.03 3.42 -55.62
C PRO C 4 -6.08 1.92 -55.38
N GLN C 5 -6.09 1.17 -56.50
CA GLN C 5 -6.24 -0.28 -56.40
C GLN C 5 -5.03 -0.94 -55.76
N ALA C 6 -3.83 -0.40 -55.98
CA ALA C 6 -2.63 -1.00 -55.40
C ALA C 6 -2.67 -0.96 -53.88
N LEU C 7 -3.13 0.16 -53.31
CA LEU C 7 -3.24 0.27 -51.86
C LEU C 7 -4.28 -0.71 -51.32
N VAL C 8 -5.35 -0.94 -52.08
CA VAL C 8 -6.38 -1.89 -51.65
C VAL C 8 -5.81 -3.29 -51.53
N VAL C 9 -5.07 -3.73 -52.56
CA VAL C 9 -4.48 -5.07 -52.49
C VAL C 9 -3.37 -5.12 -51.44
N PHE C 10 -2.70 -3.99 -51.19
CA PHE C 10 -1.71 -3.94 -50.12
C PHE C 10 -2.37 -4.19 -48.77
N TYR C 11 -3.51 -3.56 -48.53
CA TYR C 11 -4.24 -3.82 -47.28
C TYR C 11 -4.80 -5.24 -47.24
N VAL C 12 -5.20 -5.77 -48.39
CA VAL C 12 -5.65 -7.17 -48.43
C VAL C 12 -4.53 -8.10 -47.99
N ALA C 13 -3.33 -7.85 -48.50
CA ALA C 13 -2.17 -8.64 -48.09
C ALA C 13 -1.89 -8.47 -46.60
N LEU C 14 -2.02 -7.25 -46.09
CA LEU C 14 -1.82 -7.03 -44.65
C LEU C 14 -2.80 -7.84 -43.82
N THR C 15 -4.08 -7.80 -44.19
CA THR C 15 -5.09 -8.55 -43.43
C THR C 15 -4.84 -10.05 -43.53
N ALA C 16 -4.48 -10.54 -44.71
CA ALA C 16 -4.17 -11.96 -44.86
C ALA C 16 -2.99 -12.36 -43.98
N VAL C 17 -1.95 -11.52 -43.94
CA VAL C 17 -0.78 -11.81 -43.12
C VAL C 17 -1.14 -11.82 -41.64
N MET C 18 -1.95 -10.85 -41.20
CA MET C 18 -2.36 -10.82 -39.80
C MET C 18 -3.17 -12.07 -39.43
N VAL C 19 -4.09 -12.48 -40.29
CA VAL C 19 -4.89 -13.67 -40.00
C VAL C 19 -4.00 -14.91 -39.97
N ALA C 20 -3.05 -15.00 -40.91
CA ALA C 20 -2.15 -16.15 -40.95
C ALA C 20 -1.29 -16.22 -39.70
N VAL C 21 -0.77 -15.08 -39.24
CA VAL C 21 0.05 -15.07 -38.03
C VAL C 21 -0.79 -15.41 -36.81
N ALA C 22 -2.03 -14.90 -36.75
CA ALA C 22 -2.90 -15.23 -35.63
C ALA C 22 -3.20 -16.71 -35.58
N LEU C 23 -3.44 -17.34 -36.74
CA LEU C 23 -3.64 -18.79 -36.76
C LEU C 23 -2.36 -19.55 -36.45
N TYR C 24 -1.21 -19.03 -36.86
CA TYR C 24 0.06 -19.70 -36.59
C TYR C 24 0.42 -19.66 -35.11
N ALA C 25 0.03 -18.59 -34.41
CA ALA C 25 0.32 -18.48 -32.99
C ALA C 25 -0.52 -19.45 -32.18
#